data_1NQW
#
_entry.id   1NQW
#
_cell.length_a   180.096
_cell.length_b   180.096
_cell.length_c   180.096
_cell.angle_alpha   90.00
_cell.angle_beta   90.00
_cell.angle_gamma   90.00
#
_symmetry.space_group_name_H-M   'I 2 3'
#
loop_
_entity.id
_entity.type
_entity.pdbx_description
1 polymer '6,7-dimethyl-8-ribityllumazine synthase'
2 non-polymer '5-(6-D-RIBITYLAMINO-2,4(1H,3H)PYRIMIDINEDIONE-5-YL) PENTYL-1-PHOSPHONIC ACID'
3 water water
#
_entity_poly.entity_id   1
_entity_poly.type   'polypeptide(L)'
_entity_poly.pdbx_seq_one_letter_code
;MQIYEGKLTAEGLRFGIVASRFNHALVDRLVEGAIDCIVRHGGREEDITLVRVPGSWEIPVAAGELARKEDIDAVIAIGV
LIRGATPHFDYIASEVSKGLANLSLELRKPITFGVITADTLEQAIERAGTKHGNKGWEAALSAIEMANLFKSLR
;
_entity_poly.pdbx_strand_id   A,B,C,D,E
#
# COMPACT_ATOMS: atom_id res chain seq x y z
N MET A 1 -18.55 -27.73 15.48
CA MET A 1 -17.85 -26.53 15.09
C MET A 1 -16.89 -26.06 16.17
N GLN A 2 -15.65 -25.75 15.84
CA GLN A 2 -14.79 -25.11 16.83
C GLN A 2 -15.07 -23.58 16.87
N ILE A 3 -15.26 -23.04 18.08
CA ILE A 3 -15.54 -21.62 18.24
C ILE A 3 -14.53 -20.99 19.17
N TYR A 4 -13.89 -19.92 18.70
CA TYR A 4 -12.95 -19.15 19.49
C TYR A 4 -13.49 -17.75 19.66
N GLU A 5 -13.45 -17.28 20.89
CA GLU A 5 -13.81 -15.91 21.12
C GLU A 5 -13.10 -15.38 22.35
N GLY A 6 -13.03 -14.06 22.48
CA GLY A 6 -12.44 -13.48 23.66
C GLY A 6 -13.49 -12.96 24.60
N LYS A 7 -13.28 -13.17 25.88
CA LYS A 7 -14.18 -12.57 26.84
C LYS A 7 -13.65 -11.19 27.17
N LEU A 8 -14.39 -10.46 27.99
CA LEU A 8 -14.08 -9.07 28.30
C LEU A 8 -13.59 -8.79 29.72
N THR A 9 -13.21 -9.80 30.48
CA THR A 9 -12.60 -9.59 31.79
C THR A 9 -11.12 -9.46 31.52
N ALA A 10 -10.49 -8.44 32.09
CA ALA A 10 -9.10 -8.13 31.75
C ALA A 10 -8.02 -8.53 32.78
N GLU A 11 -8.45 -9.35 33.71
CA GLU A 11 -7.56 -9.82 34.76
C GLU A 11 -6.24 -10.42 34.22
N GLY A 12 -5.11 -9.91 34.69
CA GLY A 12 -3.81 -10.39 34.25
C GLY A 12 -3.35 -9.89 32.89
N LEU A 13 -4.17 -9.13 32.18
CA LEU A 13 -3.76 -8.72 30.83
C LEU A 13 -2.86 -7.51 30.94
N ARG A 14 -1.95 -7.37 30.01
CA ARG A 14 -1.03 -6.25 30.05
C ARG A 14 -1.12 -5.50 28.74
N PHE A 15 -1.34 -4.19 28.80
CA PHE A 15 -1.58 -3.39 27.59
C PHE A 15 -0.56 -2.26 27.34
N GLY A 16 -0.26 -2.06 26.07
CA GLY A 16 0.51 -0.91 25.64
C GLY A 16 -0.45 0.12 25.06
N ILE A 17 -0.32 1.38 25.45
CA ILE A 17 -1.09 2.44 24.83
C ILE A 17 -0.11 3.42 24.22
N VAL A 18 -0.28 3.77 22.94
CA VAL A 18 0.59 4.76 22.33
C VAL A 18 -0.35 5.91 22.01
N ALA A 19 -0.07 7.08 22.60
CA ALA A 19 -0.95 8.24 22.48
C ALA A 19 -0.20 9.47 22.00
N SER A 20 -0.72 10.10 20.96
CA SER A 20 -0.05 11.26 20.41
C SER A 20 -0.47 12.54 21.15
N ARG A 21 0.28 13.63 20.95
CA ARG A 21 0.00 14.90 21.63
C ARG A 21 -0.73 15.93 20.77
N PHE A 22 -0.69 15.81 19.45
CA PHE A 22 -1.43 16.74 18.63
C PHE A 22 -2.89 16.59 19.04
N ASN A 23 -3.61 17.70 19.15
CA ASN A 23 -5.02 17.66 19.59
C ASN A 23 -5.21 17.02 20.97
N HIS A 24 -4.26 17.29 21.87
CA HIS A 24 -4.25 16.61 23.16
C HIS A 24 -5.49 16.79 24.04
N ALA A 25 -6.15 17.93 23.92
CA ALA A 25 -7.35 18.19 24.70
C ALA A 25 -8.38 17.12 24.42
N LEU A 26 -8.32 16.52 23.23
CA LEU A 26 -9.21 15.42 22.88
C LEU A 26 -8.55 14.10 23.12
N VAL A 27 -7.28 13.98 22.72
CA VAL A 27 -6.57 12.73 22.95
C VAL A 27 -6.62 12.35 24.42
N ASP A 28 -6.44 13.34 25.28
CA ASP A 28 -6.42 13.09 26.71
C ASP A 28 -7.70 12.42 27.19
N ARG A 29 -8.83 12.75 26.58
CA ARG A 29 -10.10 12.12 26.96
C ARG A 29 -10.11 10.66 26.47
N LEU A 30 -9.53 10.42 25.29
CA LEU A 30 -9.45 9.06 24.77
C LEU A 30 -8.57 8.21 25.69
N VAL A 31 -7.50 8.81 26.19
CA VAL A 31 -6.61 8.08 27.09
C VAL A 31 -7.33 7.77 28.40
N GLU A 32 -8.13 8.69 28.92
CA GLU A 32 -8.91 8.45 30.13
C GLU A 32 -9.87 7.29 29.93
N GLY A 33 -10.50 7.25 28.76
CA GLY A 33 -11.44 6.20 28.48
C GLY A 33 -10.82 4.83 28.38
N ALA A 34 -9.70 4.75 27.66
CA ALA A 34 -9.01 3.48 27.48
C ALA A 34 -8.56 2.93 28.86
N ILE A 35 -7.98 3.77 29.70
CA ILE A 35 -7.52 3.30 31.02
C ILE A 35 -8.70 2.85 31.88
N ASP A 36 -9.75 3.66 31.91
CA ASP A 36 -10.93 3.33 32.69
C ASP A 36 -11.54 1.99 32.24
N CYS A 37 -11.58 1.77 30.92
CA CYS A 37 -12.14 0.54 30.38
C CYS A 37 -11.33 -0.63 30.88
N ILE A 38 -10.01 -0.49 30.81
CA ILE A 38 -9.14 -1.56 31.26
C ILE A 38 -9.30 -1.85 32.73
N VAL A 39 -9.24 -0.81 33.55
CA VAL A 39 -9.29 -0.99 34.99
C VAL A 39 -10.63 -1.56 35.44
N ARG A 40 -11.74 -1.01 34.96
CA ARG A 40 -13.02 -1.46 35.47
C ARG A 40 -13.43 -2.82 34.87
N HIS A 41 -12.69 -3.28 33.87
CA HIS A 41 -12.87 -4.64 33.41
C HIS A 41 -11.96 -5.64 34.15
N GLY A 42 -11.24 -5.18 35.17
CA GLY A 42 -10.37 -6.06 35.97
C GLY A 42 -8.86 -5.99 35.68
N GLY A 43 -8.46 -5.22 34.68
CA GLY A 43 -7.04 -5.06 34.41
C GLY A 43 -6.36 -4.18 35.45
N ARG A 44 -5.06 -4.33 35.71
CA ARG A 44 -4.43 -3.44 36.66
C ARG A 44 -3.78 -2.31 35.89
N GLU A 45 -3.89 -1.12 36.44
CA GLU A 45 -3.33 0.07 35.82
C GLU A 45 -1.84 -0.07 35.71
N GLU A 46 -1.26 -0.82 36.64
CA GLU A 46 0.17 -1.08 36.69
C GLU A 46 0.54 -1.91 35.52
N ASP A 47 -0.41 -2.57 34.89
CA ASP A 47 -0.07 -3.42 33.78
C ASP A 47 -0.22 -2.67 32.48
N ILE A 48 -0.37 -1.35 32.58
CA ILE A 48 -0.50 -0.54 31.39
C ILE A 48 0.80 0.20 31.19
N THR A 49 1.28 0.18 29.96
CA THR A 49 2.43 0.97 29.59
C THR A 49 1.97 2.04 28.60
N LEU A 50 2.16 3.31 28.96
CA LEU A 50 1.72 4.41 28.15
C LEU A 50 2.94 5.05 27.50
N VAL A 51 2.91 5.17 26.19
CA VAL A 51 3.94 5.87 25.43
C VAL A 51 3.35 7.08 24.72
N ARG A 52 3.95 8.24 24.94
CA ARG A 52 3.52 9.48 24.27
C ARG A 52 4.44 9.80 23.10
N VAL A 53 3.84 10.31 22.03
CA VAL A 53 4.57 10.72 20.82
C VAL A 53 3.97 12.04 20.32
N PRO A 54 4.70 12.78 19.49
CA PRO A 54 4.20 14.06 18.99
C PRO A 54 2.90 14.01 18.21
N GLY A 55 2.80 13.23 17.14
CA GLY A 55 1.58 13.18 16.35
C GLY A 55 1.23 11.80 15.90
N SER A 56 0.09 11.69 15.23
CA SER A 56 -0.36 10.40 14.73
C SER A 56 0.69 9.78 13.84
N TRP A 57 1.42 10.62 13.11
CA TRP A 57 2.48 10.14 12.24
C TRP A 57 3.47 9.22 12.96
N GLU A 58 3.81 9.62 14.18
CA GLU A 58 4.79 8.91 15.00
C GLU A 58 4.23 7.73 15.78
N ILE A 59 2.92 7.56 15.77
CA ILE A 59 2.34 6.44 16.51
C ILE A 59 2.86 5.05 16.08
N PRO A 60 2.92 4.73 14.78
CA PRO A 60 3.36 3.40 14.36
C PRO A 60 4.75 3.00 14.84
N VAL A 61 5.75 3.81 14.64
CA VAL A 61 7.07 3.45 15.10
C VAL A 61 7.17 3.16 16.61
N ALA A 62 6.43 3.91 17.42
CA ALA A 62 6.42 3.64 18.85
C ALA A 62 5.63 2.36 19.12
N ALA A 63 4.50 2.18 18.45
CA ALA A 63 3.70 0.98 18.65
C ALA A 63 4.48 -0.25 18.27
N GLY A 64 5.34 -0.11 17.27
CA GLY A 64 6.16 -1.21 16.82
C GLY A 64 7.07 -1.69 17.94
N GLU A 65 7.60 -0.76 18.74
CA GLU A 65 8.47 -1.11 19.87
C GLU A 65 7.64 -1.76 21.01
N LEU A 66 6.45 -1.26 21.28
CA LEU A 66 5.63 -1.80 22.34
C LEU A 66 5.14 -3.19 22.01
N ALA A 67 4.72 -3.35 20.77
CA ALA A 67 4.17 -4.63 20.32
C ALA A 67 5.21 -5.74 20.35
N ARG A 68 6.48 -5.37 20.21
CA ARG A 68 7.55 -6.37 20.27
C ARG A 68 7.89 -6.84 21.69
N LYS A 69 7.37 -6.15 22.70
CA LYS A 69 7.60 -6.58 24.10
C LYS A 69 6.84 -7.86 24.37
N GLU A 70 7.56 -8.85 24.88
CA GLU A 70 6.96 -10.16 25.16
C GLU A 70 5.89 -10.07 26.23
N ASP A 71 6.03 -9.12 27.14
CA ASP A 71 5.05 -8.94 28.18
C ASP A 71 3.97 -7.87 27.90
N ILE A 72 3.70 -7.60 26.63
CA ILE A 72 2.58 -6.75 26.26
C ILE A 72 1.64 -7.65 25.48
N ASP A 73 0.39 -7.75 25.91
CA ASP A 73 -0.54 -8.64 25.23
C ASP A 73 -1.24 -8.01 24.04
N ALA A 74 -1.35 -6.68 24.04
CA ALA A 74 -2.00 -5.95 22.95
C ALA A 74 -1.65 -4.48 23.04
N VAL A 75 -1.66 -3.81 21.91
CA VAL A 75 -1.38 -2.39 21.88
C VAL A 75 -2.61 -1.63 21.41
N ILE A 76 -2.84 -0.51 22.06
CA ILE A 76 -3.95 0.36 21.74
C ILE A 76 -3.38 1.67 21.20
N ALA A 77 -3.69 1.97 19.93
CA ALA A 77 -3.25 3.20 19.30
C ALA A 77 -4.29 4.30 19.44
N ILE A 78 -3.89 5.40 20.05
CA ILE A 78 -4.76 6.53 20.34
C ILE A 78 -4.24 7.82 19.76
N GLY A 79 -5.08 8.50 18.97
CA GLY A 79 -4.73 9.76 18.37
C GLY A 79 -5.95 10.50 17.85
N VAL A 80 -5.78 11.78 17.52
CA VAL A 80 -6.87 12.56 16.96
C VAL A 80 -6.40 13.35 15.76
N LEU A 81 -6.90 12.95 14.59
CA LEU A 81 -6.64 13.66 13.36
C LEU A 81 -7.89 14.44 12.94
N ILE A 82 -7.70 15.72 12.68
CA ILE A 82 -8.79 16.56 12.22
C ILE A 82 -8.33 17.25 10.95
N ARG A 83 -9.11 17.08 9.88
CA ARG A 83 -8.76 17.62 8.58
C ARG A 83 -8.62 19.12 8.60
N GLY A 84 -7.58 19.60 7.95
CA GLY A 84 -7.37 21.03 7.81
C GLY A 84 -7.67 21.45 6.37
N ALA A 85 -6.89 22.39 5.85
CA ALA A 85 -7.18 22.98 4.55
C ALA A 85 -6.56 22.18 3.44
N THR A 86 -5.54 21.40 3.76
CA THR A 86 -4.83 20.64 2.75
C THR A 86 -5.06 19.13 2.85
N PRO A 87 -4.48 18.48 1.84
CA PRO A 87 -4.49 17.02 1.74
C PRO A 87 -3.64 16.29 2.79
N HIS A 88 -2.98 17.05 3.64
CA HIS A 88 -2.04 16.50 4.61
C HIS A 88 -2.66 15.43 5.51
N PHE A 89 -3.88 15.72 5.96
CA PHE A 89 -4.68 14.81 6.77
C PHE A 89 -4.74 13.43 6.12
N ASP A 90 -5.04 13.39 4.83
CA ASP A 90 -5.17 12.14 4.10
C ASP A 90 -3.89 11.31 4.18
N TYR A 91 -2.76 11.92 3.92
CA TYR A 91 -1.53 11.17 3.94
C TYR A 91 -1.16 10.69 5.35
N ILE A 92 -1.38 11.51 6.38
CA ILE A 92 -1.04 11.04 7.71
C ILE A 92 -2.04 9.91 8.13
N ALA A 93 -3.32 10.12 7.89
CA ALA A 93 -4.31 9.12 8.26
C ALA A 93 -4.02 7.81 7.52
N SER A 94 -3.63 7.91 6.25
CA SER A 94 -3.36 6.69 5.48
C SER A 94 -2.17 5.93 6.06
N GLU A 95 -1.14 6.67 6.43
CA GLU A 95 0.06 6.01 6.90
C GLU A 95 -0.07 5.50 8.31
N VAL A 96 -0.85 6.17 9.14
CA VAL A 96 -0.96 5.68 10.50
C VAL A 96 -1.74 4.36 10.52
N SER A 97 -2.82 4.32 9.77
CA SER A 97 -3.65 3.13 9.73
C SER A 97 -2.90 1.97 9.09
N LYS A 98 -2.23 2.22 7.99
CA LYS A 98 -1.48 1.15 7.32
C LYS A 98 -0.34 0.61 8.20
N GLY A 99 0.39 1.50 8.86
CA GLY A 99 1.48 1.07 9.72
C GLY A 99 1.02 0.20 10.87
N LEU A 100 -0.03 0.64 11.56
CA LEU A 100 -0.56 -0.15 12.64
C LEU A 100 -1.03 -1.52 12.18
N ALA A 101 -1.80 -1.57 11.10
CA ALA A 101 -2.31 -2.85 10.61
C ALA A 101 -1.16 -3.76 10.19
N ASN A 102 -0.16 -3.19 9.50
CA ASN A 102 0.99 -3.96 9.04
C ASN A 102 1.75 -4.52 10.25
N LEU A 103 1.91 -3.69 11.29
CA LEU A 103 2.66 -4.15 12.44
C LEU A 103 1.94 -5.31 13.11
N SER A 104 0.63 -5.19 13.21
CA SER A 104 -0.13 -6.25 13.84
C SER A 104 0.05 -7.59 13.11
N LEU A 105 0.05 -7.58 11.79
CA LEU A 105 0.18 -8.80 11.01
C LEU A 105 1.60 -9.34 11.09
N GLU A 106 2.59 -8.47 11.04
CA GLU A 106 3.97 -8.88 11.11
C GLU A 106 4.32 -9.42 12.50
N LEU A 107 3.84 -8.80 13.55
CA LEU A 107 4.20 -9.24 14.88
C LEU A 107 3.20 -10.26 15.44
N ARG A 108 2.15 -10.53 14.65
CA ARG A 108 1.10 -11.46 15.05
C ARG A 108 0.59 -11.16 16.46
N LYS A 109 0.23 -9.91 16.65
CA LYS A 109 -0.27 -9.42 17.93
C LYS A 109 -1.30 -8.32 17.70
N PRO A 110 -2.35 -8.30 18.49
CA PRO A 110 -3.39 -7.29 18.27
C PRO A 110 -2.92 -5.88 18.57
N ILE A 111 -3.26 -5.02 17.63
CA ILE A 111 -3.07 -3.60 17.74
C ILE A 111 -4.38 -3.01 17.32
N THR A 112 -5.06 -2.36 18.26
CA THR A 112 -6.37 -1.81 17.99
C THR A 112 -6.30 -0.33 17.66
N PHE A 113 -7.32 0.09 16.93
CA PHE A 113 -7.39 1.40 16.32
C PHE A 113 -8.29 2.37 17.06
N GLY A 114 -7.67 3.23 17.86
CA GLY A 114 -8.41 4.26 18.58
C GLY A 114 -8.02 5.65 18.09
N VAL A 115 -7.76 5.77 16.80
CA VAL A 115 -7.39 7.04 16.19
C VAL A 115 -8.60 7.65 15.54
N ILE A 116 -9.00 8.82 15.98
CA ILE A 116 -10.13 9.49 15.35
C ILE A 116 -9.60 10.12 14.08
N THR A 117 -10.35 9.99 12.98
CA THR A 117 -10.01 10.60 11.72
C THR A 117 -11.22 11.39 11.26
N ALA A 118 -11.31 12.60 11.77
CA ALA A 118 -12.48 13.43 11.59
C ALA A 118 -12.31 14.54 10.57
N ASP A 119 -13.41 14.88 9.90
CA ASP A 119 -13.41 16.01 9.00
C ASP A 119 -13.48 17.32 9.77
N THR A 120 -14.14 17.32 10.92
CA THR A 120 -14.34 18.56 11.65
C THR A 120 -14.03 18.40 13.13
N LEU A 121 -13.82 19.53 13.79
CA LEU A 121 -13.55 19.58 15.20
C LEU A 121 -14.73 18.98 15.94
N GLU A 122 -15.93 19.29 15.46
CA GLU A 122 -17.13 18.82 16.10
C GLU A 122 -17.19 17.31 16.11
N GLN A 123 -16.89 16.70 14.97
CA GLN A 123 -16.87 15.26 14.86
C GLN A 123 -15.88 14.69 15.86
N ALA A 124 -14.75 15.36 16.02
CA ALA A 124 -13.73 14.83 16.91
C ALA A 124 -14.23 14.86 18.35
N ILE A 125 -14.91 15.94 18.74
CA ILE A 125 -15.39 16.11 20.12
C ILE A 125 -16.47 15.07 20.39
N GLU A 126 -17.31 14.83 19.40
CA GLU A 126 -18.37 13.84 19.52
C GLU A 126 -17.84 12.48 19.89
N ARG A 127 -16.66 12.13 19.33
CA ARG A 127 -16.11 10.80 19.49
C ARG A 127 -15.08 10.69 20.60
N ALA A 128 -14.87 11.78 21.32
CA ALA A 128 -13.88 11.81 22.40
C ALA A 128 -14.54 12.03 23.76
N GLY A 129 -15.54 11.21 24.06
CA GLY A 129 -16.23 11.30 25.31
C GLY A 129 -17.48 12.15 25.35
N THR A 130 -18.06 12.45 24.19
CA THR A 130 -19.37 13.10 24.18
C THR A 130 -20.38 12.23 23.43
N LYS A 131 -21.10 12.79 22.46
CA LYS A 131 -22.34 12.14 22.07
C LYS A 131 -22.21 10.87 21.31
N HIS A 132 -21.04 10.66 20.72
CA HIS A 132 -20.82 9.45 20.00
C HIS A 132 -19.86 8.57 20.79
N GLY A 133 -19.76 8.78 22.10
CA GLY A 133 -18.90 7.90 22.91
C GLY A 133 -17.42 8.30 22.91
N ASN A 134 -16.59 7.32 23.23
CA ASN A 134 -15.17 7.51 23.45
C ASN A 134 -14.37 6.45 22.72
N LYS A 135 -13.69 6.89 21.66
CA LYS A 135 -12.94 5.97 20.81
C LYS A 135 -11.80 5.24 21.56
N GLY A 136 -11.24 5.85 22.59
CA GLY A 136 -10.27 5.15 23.42
C GLY A 136 -10.85 3.98 24.20
N TRP A 137 -12.04 4.17 24.76
CA TRP A 137 -12.76 3.11 25.47
C TRP A 137 -13.00 1.96 24.46
N GLU A 138 -13.44 2.31 23.24
CA GLU A 138 -13.78 1.31 22.24
C GLU A 138 -12.57 0.46 21.87
N ALA A 139 -11.44 1.13 21.67
CA ALA A 139 -10.23 0.45 21.26
C ALA A 139 -9.64 -0.35 22.42
N ALA A 140 -9.83 0.13 23.64
CA ALA A 140 -9.36 -0.62 24.80
C ALA A 140 -10.18 -1.91 24.90
N LEU A 141 -11.49 -1.77 24.82
CA LEU A 141 -12.38 -2.92 24.92
C LEU A 141 -12.05 -3.94 23.84
N SER A 142 -11.71 -3.47 22.66
CA SER A 142 -11.33 -4.39 21.60
C SER A 142 -10.03 -5.17 21.95
N ALA A 143 -9.11 -4.43 22.54
CA ALA A 143 -7.82 -4.99 22.92
C ALA A 143 -7.94 -6.06 24.02
N ILE A 144 -8.88 -5.88 24.93
CA ILE A 144 -9.14 -6.85 25.96
C ILE A 144 -9.66 -8.11 25.30
N GLU A 145 -10.59 -7.93 24.39
CA GLU A 145 -11.20 -9.07 23.73
C GLU A 145 -10.14 -9.84 22.93
N MET A 146 -9.34 -9.11 22.15
CA MET A 146 -8.34 -9.73 21.30
C MET A 146 -7.25 -10.43 22.11
N ALA A 147 -6.80 -9.80 23.18
CA ALA A 147 -5.79 -10.43 24.04
C ALA A 147 -6.34 -11.75 24.60
N ASN A 148 -7.57 -11.75 25.07
CA ASN A 148 -8.15 -12.98 25.57
C ASN A 148 -8.23 -14.05 24.46
N LEU A 149 -8.72 -13.65 23.28
CA LEU A 149 -8.87 -14.55 22.16
C LEU A 149 -7.53 -15.17 21.85
N PHE A 150 -6.51 -14.33 21.84
CA PHE A 150 -5.19 -14.80 21.48
C PHE A 150 -4.60 -15.76 22.53
N LYS A 151 -5.22 -15.85 23.70
CA LYS A 151 -4.71 -16.82 24.68
C LYS A 151 -4.95 -18.25 24.17
N SER A 152 -5.98 -18.46 23.35
CA SER A 152 -6.25 -19.79 22.78
C SER A 152 -5.96 -19.87 21.29
N LEU A 153 -5.99 -18.74 20.62
CA LEU A 153 -5.83 -18.76 19.18
C LEU A 153 -4.37 -18.73 18.71
N ARG A 154 -3.54 -17.98 19.42
CA ARG A 154 -2.18 -17.66 19.00
C ARG A 154 -1.22 -18.80 19.25
N MET B 1 1.56 2.48 36.65
CA MET B 1 1.64 2.56 35.20
C MET B 1 3.05 2.91 34.74
N GLN B 2 3.59 2.18 33.79
CA GLN B 2 4.85 2.63 33.19
C GLN B 2 4.57 3.72 32.13
N ILE B 3 5.31 4.83 32.22
CA ILE B 3 5.14 5.94 31.30
C ILE B 3 6.45 6.29 30.62
N TYR B 4 6.43 6.31 29.30
CA TYR B 4 7.57 6.68 28.50
C TYR B 4 7.25 7.92 27.71
N GLU B 5 8.16 8.86 27.76
CA GLU B 5 8.01 10.03 26.94
C GLU B 5 9.36 10.65 26.60
N GLY B 6 9.39 11.49 25.57
CA GLY B 6 10.61 12.15 25.24
C GLY B 6 10.58 13.59 25.67
N LYS B 7 11.68 14.07 26.21
CA LYS B 7 11.78 15.47 26.51
C LYS B 7 12.26 16.19 25.26
N LEU B 8 12.33 17.52 25.35
CA LEU B 8 12.67 18.33 24.20
C LEU B 8 14.04 19.01 24.22
N THR B 9 14.93 18.60 25.11
CA THR B 9 16.30 19.13 25.11
C THR B 9 17.06 18.22 24.19
N ALA B 10 17.81 18.79 23.27
CA ALA B 10 18.45 18.00 22.22
C ALA B 10 19.95 17.75 22.39
N GLU B 11 20.45 18.00 23.59
CA GLU B 11 21.87 17.82 23.87
C GLU B 11 22.37 16.41 23.50
N GLY B 12 23.43 16.34 22.69
CA GLY B 12 23.99 15.05 22.27
C GLY B 12 23.24 14.32 21.18
N LEU B 13 22.10 14.84 20.72
CA LEU B 13 21.35 14.12 19.71
C LEU B 13 21.92 14.42 18.37
N ARG B 14 21.82 13.48 17.45
CA ARG B 14 22.36 13.64 16.11
C ARG B 14 21.25 13.42 15.08
N PHE B 15 21.04 14.37 14.18
CA PHE B 15 19.91 14.30 13.25
C PHE B 15 20.32 14.30 11.81
N GLY B 16 19.57 13.54 11.00
CA GLY B 16 19.66 13.58 9.57
C GLY B 16 18.50 14.38 9.00
N ILE B 17 18.78 15.31 8.09
CA ILE B 17 17.74 16.03 7.40
C ILE B 17 17.87 15.72 5.94
N VAL B 18 16.76 15.34 5.30
CA VAL B 18 16.77 15.11 3.86
C VAL B 18 15.83 16.16 3.30
N ALA B 19 16.36 17.03 2.45
CA ALA B 19 15.59 18.16 1.91
C ALA B 19 15.65 18.20 0.41
N SER B 20 14.48 18.28 -0.20
CA SER B 20 14.40 18.31 -1.66
C SER B 20 14.58 19.74 -2.17
N ARG B 21 14.84 19.88 -3.48
CA ARG B 21 15.08 21.18 -4.10
C ARG B 21 13.87 21.74 -4.87
N PHE B 22 12.93 20.90 -5.27
CA PHE B 22 11.75 21.41 -5.93
C PHE B 22 11.10 22.37 -4.94
N ASN B 23 10.62 23.52 -5.40
CA ASN B 23 10.04 24.54 -4.53
C ASN B 23 11.00 25.00 -3.45
N HIS B 24 12.27 25.15 -3.80
CA HIS B 24 13.31 25.45 -2.82
C HIS B 24 13.12 26.78 -2.06
N ALA B 25 12.51 27.77 -2.68
CA ALA B 25 12.27 29.05 -1.99
C ALA B 25 11.46 28.79 -0.73
N LEU B 26 10.65 27.73 -0.73
CA LEU B 26 9.89 27.39 0.48
C LEU B 26 10.64 26.35 1.29
N VAL B 27 11.17 25.33 0.62
CA VAL B 27 11.92 24.31 1.34
C VAL B 27 13.03 24.94 2.18
N ASP B 28 13.69 25.92 1.61
CA ASP B 28 14.80 26.55 2.30
C ASP B 28 14.39 27.15 3.64
N ARG B 29 13.17 27.65 3.73
CA ARG B 29 12.66 28.19 4.99
C ARG B 29 12.40 27.04 5.97
N LEU B 30 11.92 25.90 5.46
CA LEU B 30 11.68 24.74 6.30
C LEU B 30 13.01 24.23 6.87
N VAL B 31 14.06 24.26 6.05
CA VAL B 31 15.35 23.82 6.52
C VAL B 31 15.88 24.77 7.61
N GLU B 32 15.67 26.07 7.44
CA GLU B 32 16.09 27.06 8.41
C GLU B 32 15.41 26.78 9.74
N GLY B 33 14.13 26.46 9.67
CA GLY B 33 13.37 26.22 10.88
C GLY B 33 13.81 24.96 11.61
N ALA B 34 14.04 23.89 10.87
CA ALA B 34 14.46 22.65 11.46
C ALA B 34 15.82 22.81 12.17
N ILE B 35 16.77 23.47 11.52
CA ILE B 35 18.08 23.65 12.13
C ILE B 35 17.98 24.53 13.37
N ASP B 36 17.25 25.63 13.25
CA ASP B 36 17.09 26.52 14.39
C ASP B 36 16.45 25.79 15.59
N CYS B 37 15.44 24.98 15.31
CA CYS B 37 14.78 24.22 16.38
C CYS B 37 15.79 23.31 17.07
N ILE B 38 16.59 22.62 16.28
CA ILE B 38 17.58 21.75 16.84
C ILE B 38 18.60 22.48 17.70
N VAL B 39 19.17 23.54 17.13
CA VAL B 39 20.23 24.27 17.80
C VAL B 39 19.75 24.93 19.08
N ARG B 40 18.61 25.61 19.03
CA ARG B 40 18.19 26.36 20.21
C ARG B 40 17.57 25.44 21.25
N HIS B 41 17.34 24.17 20.89
CA HIS B 41 16.96 23.18 21.90
C HIS B 41 18.20 22.47 22.49
N GLY B 42 19.41 22.92 22.15
CA GLY B 42 20.63 22.34 22.70
C GLY B 42 21.41 21.38 21.78
N GLY B 43 20.87 21.06 20.62
CA GLY B 43 21.58 20.18 19.70
C GLY B 43 22.74 20.93 19.05
N ARG B 44 23.80 20.25 18.63
CA ARG B 44 24.87 20.95 17.93
C ARG B 44 24.66 20.84 16.44
N GLU B 45 24.90 21.95 15.75
CA GLU B 45 24.72 21.99 14.32
C GLU B 45 25.69 20.99 13.67
N GLU B 46 26.81 20.74 14.35
CA GLU B 46 27.76 19.79 13.82
C GLU B 46 27.25 18.38 13.86
N ASP B 47 26.18 18.17 14.62
CA ASP B 47 25.61 16.85 14.73
C ASP B 47 24.47 16.71 13.76
N ILE B 48 24.34 17.65 12.82
CA ILE B 48 23.29 17.56 11.82
C ILE B 48 23.93 17.14 10.52
N THR B 49 23.31 16.19 9.86
CA THR B 49 23.73 15.82 8.52
C THR B 49 22.60 16.19 7.55
N LEU B 50 22.89 17.05 6.59
CA LEU B 50 21.91 17.50 5.64
C LEU B 50 22.19 16.84 4.30
N VAL B 51 21.17 16.19 3.75
CA VAL B 51 21.22 15.60 2.42
C VAL B 51 20.20 16.29 1.51
N ARG B 52 20.66 16.77 0.37
CA ARG B 52 19.79 17.38 -0.64
C ARG B 52 19.49 16.40 -1.77
N VAL B 53 18.26 16.43 -2.26
CA VAL B 53 17.80 15.60 -3.37
C VAL B 53 16.93 16.45 -4.27
N PRO B 54 16.72 16.03 -5.52
CA PRO B 54 15.91 16.81 -6.47
C PRO B 54 14.48 17.08 -6.05
N GLY B 55 13.68 16.06 -5.76
CA GLY B 55 12.30 16.29 -5.41
C GLY B 55 11.82 15.39 -4.30
N SER B 56 10.58 15.59 -3.90
CA SER B 56 10.01 14.79 -2.83
C SER B 56 10.08 13.30 -3.18
N TRP B 57 9.96 12.99 -4.46
CA TRP B 57 10.02 11.61 -4.91
C TRP B 57 11.31 10.91 -4.41
N GLU B 58 12.41 11.66 -4.46
CA GLU B 58 13.72 11.14 -4.10
C GLU B 58 14.03 11.18 -2.60
N ILE B 59 13.18 11.80 -1.81
CA ILE B 59 13.45 11.87 -0.38
C ILE B 59 13.57 10.47 0.29
N PRO B 60 12.66 9.54 0.05
CA PRO B 60 12.74 8.24 0.75
C PRO B 60 14.03 7.48 0.54
N VAL B 61 14.49 7.30 -0.69
CA VAL B 61 15.73 6.56 -0.88
C VAL B 61 16.94 7.20 -0.16
N ALA B 62 16.99 8.52 -0.10
CA ALA B 62 18.09 9.16 0.62
C ALA B 62 17.90 8.99 2.12
N ALA B 63 16.66 9.14 2.57
CA ALA B 63 16.38 8.99 3.99
C ALA B 63 16.71 7.59 4.47
N GLY B 64 16.52 6.62 3.58
CA GLY B 64 16.78 5.23 3.88
C GLY B 64 18.27 5.05 4.18
N GLU B 65 19.13 5.77 3.47
CA GLU B 65 20.56 5.69 3.72
C GLU B 65 20.92 6.39 5.04
N LEU B 66 20.32 7.55 5.32
CA LEU B 66 20.63 8.27 6.55
C LEU B 66 20.16 7.53 7.77
N ALA B 67 18.95 6.98 7.69
CA ALA B 67 18.36 6.26 8.81
C ALA B 67 19.14 5.00 9.18
N ARG B 68 19.86 4.43 8.21
CA ARG B 68 20.68 3.25 8.47
C ARG B 68 22.00 3.58 9.18
N LYS B 69 22.37 4.85 9.26
CA LYS B 69 23.59 5.23 9.98
C LYS B 69 23.41 5.05 11.48
N GLU B 70 24.33 4.32 12.09
CA GLU B 70 24.23 4.02 13.51
C GLU B 70 24.33 5.28 14.37
N ASP B 71 25.02 6.28 13.85
CA ASP B 71 25.16 7.52 14.56
C ASP B 71 24.17 8.62 14.16
N ILE B 72 23.02 8.24 13.64
CA ILE B 72 21.93 9.18 13.38
C ILE B 72 20.80 8.72 14.28
N ASP B 73 20.30 9.61 15.13
CA ASP B 73 19.24 9.23 16.06
C ASP B 73 17.84 9.35 15.48
N ALA B 74 17.66 10.22 14.50
CA ALA B 74 16.36 10.39 13.86
C ALA B 74 16.57 11.14 12.57
N VAL B 75 15.64 10.94 11.62
CA VAL B 75 15.70 11.62 10.35
C VAL B 75 14.47 12.50 10.17
N ILE B 76 14.71 13.70 9.64
CA ILE B 76 13.69 14.67 9.39
C ILE B 76 13.55 14.84 7.88
N ALA B 77 12.40 14.48 7.35
CA ALA B 77 12.12 14.62 5.93
C ALA B 77 11.45 15.96 5.63
N ILE B 78 12.08 16.74 4.76
CA ILE B 78 11.63 18.07 4.40
C ILE B 78 11.46 18.23 2.92
N GLY B 79 10.26 18.65 2.52
CA GLY B 79 9.94 18.91 1.13
C GLY B 79 8.67 19.74 0.98
N VAL B 80 8.43 20.24 -0.23
CA VAL B 80 7.24 21.03 -0.51
C VAL B 80 6.58 20.57 -1.80
N LEU B 81 5.40 19.97 -1.66
CA LEU B 81 4.60 19.56 -2.78
C LEU B 81 3.43 20.50 -2.93
N ILE B 82 3.25 21.02 -4.13
CA ILE B 82 2.12 21.88 -4.40
C ILE B 82 1.41 21.32 -5.62
N ARG B 83 0.12 21.08 -5.48
CA ARG B 83 -0.67 20.46 -6.53
C ARG B 83 -0.70 21.31 -7.79
N GLY B 84 -0.54 20.65 -8.92
CA GLY B 84 -0.63 21.32 -10.21
C GLY B 84 -1.92 20.97 -10.91
N ALA B 85 -1.86 20.80 -12.23
CA ALA B 85 -3.08 20.57 -13.00
C ALA B 85 -3.44 19.09 -13.07
N THR B 86 -2.46 18.24 -12.85
CA THR B 86 -2.69 16.81 -12.97
C THR B 86 -2.66 16.09 -11.62
N PRO B 87 -3.01 14.82 -11.66
CA PRO B 87 -2.99 13.90 -10.52
C PRO B 87 -1.55 13.58 -10.03
N HIS B 88 -0.54 14.08 -10.74
CA HIS B 88 0.84 13.77 -10.43
C HIS B 88 1.18 13.98 -8.94
N PHE B 89 0.70 15.11 -8.42
CA PHE B 89 0.86 15.44 -7.01
C PHE B 89 0.44 14.29 -6.10
N ASP B 90 -0.73 13.71 -6.38
CA ASP B 90 -1.26 12.62 -5.58
C ASP B 90 -0.29 11.45 -5.52
N TYR B 91 0.20 11.03 -6.67
CA TYR B 91 1.09 9.89 -6.69
C TYR B 91 2.43 10.18 -5.99
N ILE B 92 3.00 11.37 -6.14
CA ILE B 92 4.25 11.63 -5.46
C ILE B 92 4.01 11.74 -3.93
N ALA B 93 2.97 12.46 -3.54
CA ALA B 93 2.66 12.64 -2.14
C ALA B 93 2.41 11.28 -1.49
N SER B 94 1.73 10.40 -2.21
CA SER B 94 1.42 9.09 -1.65
C SER B 94 2.69 8.29 -1.43
N GLU B 95 3.57 8.33 -2.42
CA GLU B 95 4.76 7.50 -2.33
C GLU B 95 5.76 8.06 -1.37
N VAL B 96 5.83 9.38 -1.22
CA VAL B 96 6.82 9.90 -0.29
C VAL B 96 6.43 9.57 1.15
N SER B 97 5.15 9.72 1.46
CA SER B 97 4.67 9.47 2.80
C SER B 97 4.77 7.98 3.11
N LYS B 98 4.36 7.12 2.19
CA LYS B 98 4.44 5.67 2.43
C LYS B 98 5.88 5.21 2.60
N GLY B 99 6.79 5.70 1.76
CA GLY B 99 8.19 5.29 1.85
C GLY B 99 8.81 5.67 3.19
N LEU B 100 8.58 6.90 3.61
CA LEU B 100 9.13 7.34 4.86
C LEU B 100 8.58 6.52 6.01
N ALA B 101 7.27 6.34 6.06
CA ALA B 101 6.67 5.58 7.17
C ALA B 101 7.19 4.14 7.15
N ASN B 102 7.27 3.54 5.97
CA ASN B 102 7.75 2.15 5.85
C ASN B 102 9.19 2.05 6.33
N LEU B 103 10.02 3.03 5.98
CA LEU B 103 11.41 2.95 6.39
C LEU B 103 11.53 3.05 7.90
N SER B 104 10.74 3.93 8.49
CA SER B 104 10.79 4.09 9.92
C SER B 104 10.47 2.76 10.64
N LEU B 105 9.48 2.02 10.15
CA LEU B 105 9.08 0.78 10.77
C LEU B 105 10.11 -0.32 10.52
N GLU B 106 10.67 -0.36 9.31
CA GLU B 106 11.65 -1.35 8.97
C GLU B 106 12.95 -1.13 9.74
N LEU B 107 13.38 0.12 9.87
CA LEU B 107 14.64 0.39 10.52
C LEU B 107 14.47 0.66 12.01
N ARG B 108 13.23 0.64 12.47
CA ARG B 108 12.91 0.90 13.86
C ARG B 108 13.60 2.16 14.40
N LYS B 109 13.41 3.24 13.65
CA LYS B 109 14.01 4.52 13.96
C LYS B 109 13.08 5.65 13.52
N PRO B 110 12.99 6.72 14.31
CA PRO B 110 12.06 7.79 13.94
C PRO B 110 12.47 8.54 12.71
N ILE B 111 11.47 8.71 11.85
CA ILE B 111 11.59 9.54 10.66
C ILE B 111 10.35 10.40 10.69
N THR B 112 10.56 11.70 10.86
CA THR B 112 9.47 12.64 10.98
C THR B 112 9.15 13.31 9.65
N PHE B 113 7.89 13.73 9.57
CA PHE B 113 7.29 14.20 8.34
C PHE B 113 7.17 15.72 8.30
N GLY B 114 8.10 16.34 7.60
CA GLY B 114 8.08 17.77 7.40
C GLY B 114 7.89 18.12 5.94
N VAL B 115 7.07 17.33 5.25
CA VAL B 115 6.75 17.56 3.84
C VAL B 115 5.41 18.24 3.75
N ILE B 116 5.39 19.44 3.17
CA ILE B 116 4.14 20.12 2.98
C ILE B 116 3.47 19.49 1.76
N THR B 117 2.17 19.23 1.86
CA THR B 117 1.40 18.68 0.76
C THR B 117 0.20 19.60 0.57
N ALA B 118 0.44 20.67 -0.17
CA ALA B 118 -0.53 21.72 -0.32
C ALA B 118 -1.27 21.73 -1.64
N ASP B 119 -2.52 22.19 -1.60
CA ASP B 119 -3.28 22.35 -2.82
C ASP B 119 -2.85 23.63 -3.55
N THR B 120 -2.45 24.65 -2.81
CA THR B 120 -2.12 25.93 -3.43
C THR B 120 -0.80 26.49 -2.93
N LEU B 121 -0.24 27.42 -3.70
CA LEU B 121 0.99 28.08 -3.37
C LEU B 121 0.79 28.80 -2.04
N GLU B 122 -0.37 29.41 -1.89
CA GLU B 122 -0.63 30.17 -0.69
C GLU B 122 -0.56 29.29 0.56
N GLN B 123 -1.17 28.11 0.49
CA GLN B 123 -1.10 27.16 1.58
C GLN B 123 0.33 26.79 1.89
N ALA B 124 1.16 26.65 0.86
CA ALA B 124 2.53 26.24 1.10
C ALA B 124 3.28 27.38 1.81
N ILE B 125 3.03 28.64 1.41
CA ILE B 125 3.73 29.78 2.02
C ILE B 125 3.30 29.90 3.48
N GLU B 126 2.01 29.69 3.73
CA GLU B 126 1.50 29.76 5.09
C GLU B 126 2.24 28.83 6.05
N ARG B 127 2.61 27.66 5.54
CA ARG B 127 3.22 26.60 6.36
C ARG B 127 4.73 26.58 6.32
N ALA B 128 5.32 27.54 5.60
CA ALA B 128 6.77 27.58 5.49
C ALA B 128 7.34 28.84 6.13
N GLY B 129 6.94 29.09 7.36
CA GLY B 129 7.45 30.24 8.09
C GLY B 129 6.58 31.48 8.05
N THR B 130 5.31 31.34 7.70
CA THR B 130 4.39 32.46 7.84
C THR B 130 3.25 32.11 8.77
N LYS B 131 2.00 32.32 8.35
CA LYS B 131 0.94 32.41 9.34
C LYS B 131 0.56 31.11 10.00
N HIS B 132 0.90 30.01 9.38
CA HIS B 132 0.59 28.74 9.97
C HIS B 132 1.89 28.09 10.47
N GLY B 133 2.92 28.89 10.72
CA GLY B 133 4.15 28.33 11.27
C GLY B 133 5.10 27.75 10.23
N ASN B 134 5.96 26.87 10.69
CA ASN B 134 7.03 26.32 9.90
C ASN B 134 7.09 24.80 10.09
N LYS B 135 6.72 24.09 9.03
CA LYS B 135 6.65 22.64 9.11
C LYS B 135 8.01 21.97 9.38
N GLY B 136 9.11 22.58 8.97
CA GLY B 136 10.43 22.08 9.33
C GLY B 136 10.72 22.13 10.82
N TRP B 137 10.34 23.23 11.46
CA TRP B 137 10.49 23.39 12.90
C TRP B 137 9.68 22.26 13.58
N GLU B 138 8.45 22.06 13.11
CA GLU B 138 7.53 21.08 13.72
C GLU B 138 8.13 19.67 13.61
N ALA B 139 8.64 19.33 12.44
CA ALA B 139 9.18 18.02 12.24
C ALA B 139 10.50 17.84 13.02
N ALA B 140 11.28 18.90 13.15
CA ALA B 140 12.50 18.83 13.93
C ALA B 140 12.16 18.57 15.39
N LEU B 141 11.20 19.35 15.90
CA LEU B 141 10.79 19.21 17.29
C LEU B 141 10.30 17.81 17.56
N SER B 142 9.59 17.25 16.60
CA SER B 142 9.10 15.88 16.75
C SER B 142 10.28 14.90 16.81
N ALA B 143 11.28 15.14 15.99
CA ALA B 143 12.43 14.28 15.93
C ALA B 143 13.22 14.31 17.24
N ILE B 144 13.30 15.47 17.86
CA ILE B 144 13.98 15.61 19.13
C ILE B 144 13.26 14.75 20.17
N GLU B 145 11.94 14.89 20.20
CA GLU B 145 11.15 14.16 21.16
C GLU B 145 11.31 12.65 20.95
N MET B 146 11.18 12.21 19.70
CA MET B 146 11.23 10.78 19.39
C MET B 146 12.61 10.19 19.68
N ALA B 147 13.68 10.92 19.36
CA ALA B 147 15.02 10.45 19.66
C ALA B 147 15.19 10.27 21.17
N ASN B 148 14.73 11.24 21.94
CA ASN B 148 14.81 11.10 23.39
C ASN B 148 14.01 9.91 23.88
N LEU B 149 12.79 9.76 23.37
CA LEU B 149 11.91 8.69 23.77
C LEU B 149 12.59 7.37 23.50
N PHE B 150 13.19 7.28 22.31
CA PHE B 150 13.83 6.04 21.90
C PHE B 150 15.06 5.69 22.78
N LYS B 151 15.58 6.64 23.56
CA LYS B 151 16.73 6.32 24.42
C LYS B 151 16.30 5.31 25.47
N SER B 152 15.02 5.30 25.85
CA SER B 152 14.52 4.34 26.85
C SER B 152 13.60 3.29 26.24
N LEU B 153 12.97 3.62 25.12
CA LEU B 153 12.00 2.70 24.55
C LEU B 153 12.59 1.63 23.62
N ARG B 154 13.61 2.02 22.87
CA ARG B 154 14.18 1.20 21.80
C ARG B 154 15.08 0.10 22.32
N MET C 1 28.27 21.23 10.29
CA MET C 1 27.22 20.44 9.66
C MET C 1 27.78 19.58 8.54
N GLN C 2 27.47 18.30 8.49
CA GLN C 2 27.81 17.55 7.30
C GLN C 2 26.75 17.77 6.19
N ILE C 3 27.21 18.08 4.98
CA ILE C 3 26.33 18.33 3.85
C ILE C 3 26.66 17.40 2.70
N TYR C 4 25.64 16.67 2.22
CA TYR C 4 25.78 15.81 1.07
C TYR C 4 24.89 16.29 -0.02
N GLU C 5 25.43 16.39 -1.22
CA GLU C 5 24.63 16.73 -2.36
C GLU C 5 25.24 16.15 -3.62
N GLY C 6 24.41 16.06 -4.67
CA GLY C 6 24.89 15.59 -5.92
C GLY C 6 25.08 16.71 -6.90
N LYS C 7 26.17 16.68 -7.64
CA LYS C 7 26.34 17.65 -8.70
C LYS C 7 25.68 17.10 -9.95
N LEU C 8 25.68 17.90 -11.00
CA LEU C 8 24.98 17.57 -12.23
C LEU C 8 25.86 17.25 -13.44
N THR C 9 27.15 16.99 -13.23
CA THR C 9 28.00 16.52 -14.33
C THR C 9 27.87 15.02 -14.32
N ALA C 10 27.64 14.42 -15.47
CA ALA C 10 27.34 12.99 -15.55
C ALA C 10 28.47 12.07 -16.02
N GLU C 11 29.67 12.62 -16.05
CA GLU C 11 30.82 11.88 -16.51
C GLU C 11 30.98 10.53 -15.78
N GLY C 12 31.08 9.44 -16.53
CA GLY C 12 31.25 8.12 -15.93
C GLY C 12 29.98 7.49 -15.36
N LEU C 13 28.86 8.19 -15.39
CA LEU C 13 27.66 7.61 -14.80
C LEU C 13 27.00 6.71 -15.80
N ARG C 14 26.35 5.67 -15.31
CA ARG C 14 25.69 4.72 -16.18
C ARG C 14 24.21 4.65 -15.80
N PHE C 15 23.32 4.82 -16.78
CA PHE C 15 21.88 4.87 -16.52
C PHE C 15 21.05 3.82 -17.21
N GLY C 16 20.03 3.36 -16.50
CA GLY C 16 19.00 2.52 -17.08
C GLY C 16 17.77 3.37 -17.36
N ILE C 17 17.19 3.23 -18.53
CA ILE C 17 15.93 3.89 -18.83
C ILE C 17 14.94 2.81 -19.17
N VAL C 18 13.77 2.82 -18.54
CA VAL C 18 12.71 1.87 -18.88
C VAL C 18 11.58 2.72 -19.45
N ALA C 19 11.24 2.46 -20.70
CA ALA C 19 10.24 3.26 -21.41
C ALA C 19 9.15 2.44 -22.01
N SER C 20 7.91 2.79 -21.70
CA SER C 20 6.78 2.04 -22.18
C SER C 20 6.37 2.50 -23.58
N ARG C 21 5.58 1.68 -24.28
CA ARG C 21 5.15 1.99 -25.66
C ARG C 21 3.74 2.59 -25.76
N PHE C 22 2.89 2.38 -24.77
CA PHE C 22 1.58 3.00 -24.83
C PHE C 22 1.83 4.51 -24.92
N ASN C 23 1.08 5.19 -25.78
CA ASN C 23 1.25 6.62 -25.98
C ASN C 23 2.64 7.00 -26.46
N HIS C 24 3.20 6.17 -27.32
CA HIS C 24 4.61 6.31 -27.72
C HIS C 24 4.94 7.64 -28.41
N ALA C 25 3.99 8.25 -29.11
CA ALA C 25 4.25 9.53 -29.78
C ALA C 25 4.67 10.56 -28.73
N LEU C 26 4.25 10.39 -27.49
CA LEU C 26 4.69 11.26 -26.40
C LEU C 26 5.85 10.66 -25.64
N VAL C 27 5.79 9.37 -25.35
CA VAL C 27 6.89 8.73 -24.64
C VAL C 27 8.20 8.97 -25.40
N ASP C 28 8.14 8.85 -26.71
CA ASP C 28 9.34 9.01 -27.50
C ASP C 28 10.02 10.35 -27.29
N ARG C 29 9.24 11.41 -27.05
CA ARG C 29 9.79 12.73 -26.80
C ARG C 29 10.45 12.74 -25.41
N LEU C 30 9.84 12.03 -24.46
CA LEU C 30 10.41 11.95 -23.13
C LEU C 30 11.75 11.21 -23.19
N VAL C 31 11.83 10.18 -24.01
CA VAL C 31 13.06 9.44 -24.15
C VAL C 31 14.16 10.32 -24.77
N GLU C 32 13.81 11.12 -25.77
CA GLU C 32 14.76 12.03 -26.41
C GLU C 32 15.29 13.00 -25.38
N GLY C 33 14.41 13.50 -24.52
CA GLY C 33 14.82 14.44 -23.52
C GLY C 33 15.74 13.85 -22.50
N ALA C 34 15.43 12.65 -22.03
CA ALA C 34 16.27 12.00 -21.02
C ALA C 34 17.69 11.75 -21.59
N ILE C 35 17.77 11.25 -22.81
CA ILE C 35 19.08 10.95 -23.39
C ILE C 35 19.88 12.22 -23.58
N ASP C 36 19.24 13.25 -24.12
CA ASP C 36 19.90 14.52 -24.37
C ASP C 36 20.44 15.12 -23.05
N CYS C 37 19.64 15.05 -22.00
CA CYS C 37 20.04 15.56 -20.71
C CYS C 37 21.30 14.83 -20.24
N ILE C 38 21.29 13.53 -20.37
CA ILE C 38 22.44 12.75 -19.97
C ILE C 38 23.69 13.11 -20.76
N VAL C 39 23.57 13.10 -22.07
CA VAL C 39 24.69 13.32 -22.94
C VAL C 39 25.27 14.71 -22.77
N ARG C 40 24.43 15.73 -22.76
CA ARG C 40 24.96 17.08 -22.72
C ARG C 40 25.41 17.46 -21.31
N HIS C 41 25.09 16.62 -20.33
CA HIS C 41 25.68 16.79 -19.01
C HIS C 41 27.00 16.00 -18.86
N GLY C 42 27.50 15.40 -19.94
CA GLY C 42 28.77 14.67 -19.90
C GLY C 42 28.68 13.14 -19.83
N GLY C 43 27.49 12.59 -19.73
CA GLY C 43 27.33 11.14 -19.72
C GLY C 43 27.54 10.57 -21.11
N ARG C 44 27.94 9.33 -21.25
CA ARG C 44 28.08 8.78 -22.59
C ARG C 44 26.84 8.02 -22.94
N GLU C 45 26.40 8.16 -24.17
CA GLU C 45 25.20 7.46 -24.62
C GLU C 45 25.38 5.97 -24.55
N GLU C 46 26.63 5.51 -24.66
CA GLU C 46 26.97 4.10 -24.58
C GLU C 46 26.75 3.58 -23.18
N ASP C 47 26.66 4.48 -22.23
CA ASP C 47 26.50 4.09 -20.84
C ASP C 47 25.03 4.09 -20.48
N ILE C 48 24.18 4.21 -21.50
CA ILE C 48 22.76 4.15 -21.25
C ILE C 48 22.25 2.81 -21.72
N THR C 49 21.43 2.19 -20.88
CA THR C 49 20.74 0.98 -21.27
C THR C 49 19.25 1.30 -21.32
N LEU C 50 18.64 1.10 -22.48
CA LEU C 50 17.24 1.41 -22.70
C LEU C 50 16.46 0.10 -22.79
N VAL C 51 15.44 -0.03 -21.96
CA VAL C 51 14.52 -1.17 -22.00
C VAL C 51 13.11 -0.71 -22.35
N ARG C 52 12.53 -1.32 -23.37
CA ARG C 52 11.17 -1.01 -23.77
C ARG C 52 10.21 -2.08 -23.25
N VAL C 53 9.03 -1.63 -22.83
CA VAL C 53 7.96 -2.49 -22.35
C VAL C 53 6.62 -2.00 -22.92
N PRO C 54 5.60 -2.84 -22.91
CA PRO C 54 4.30 -2.44 -23.46
C PRO C 54 3.65 -1.23 -22.81
N GLY C 55 3.42 -1.25 -21.51
CA GLY C 55 2.73 -0.13 -20.87
C GLY C 55 3.33 0.22 -19.53
N SER C 56 2.81 1.27 -18.93
CA SER C 56 3.29 1.71 -17.64
C SER C 56 3.22 0.58 -16.63
N TRP C 57 2.22 -0.27 -16.77
CA TRP C 57 2.03 -1.40 -15.87
C TRP C 57 3.27 -2.27 -15.78
N GLU C 58 3.91 -2.47 -16.93
CA GLU C 58 5.06 -3.32 -17.03
C GLU C 58 6.38 -2.63 -16.70
N ILE C 59 6.37 -1.31 -16.49
CA ILE C 59 7.61 -0.62 -16.18
C ILE C 59 8.31 -1.16 -14.91
N PRO C 60 7.61 -1.33 -13.79
CA PRO C 60 8.29 -1.78 -12.54
C PRO C 60 9.06 -3.08 -12.66
N VAL C 61 8.45 -4.14 -13.16
CA VAL C 61 9.18 -5.39 -13.28
C VAL C 61 10.46 -5.28 -14.11
N ALA C 62 10.44 -4.50 -15.19
CA ALA C 62 11.65 -4.30 -15.98
C ALA C 62 12.67 -3.44 -15.18
N ALA C 63 12.18 -2.39 -14.55
CA ALA C 63 13.06 -1.53 -13.78
C ALA C 63 13.73 -2.32 -12.66
N GLY C 64 13.01 -3.29 -12.11
CA GLY C 64 13.54 -4.11 -11.05
C GLY C 64 14.76 -4.89 -11.53
N GLU C 65 14.73 -5.35 -12.78
CA GLU C 65 15.87 -6.06 -13.36
C GLU C 65 17.05 -5.09 -13.64
N LEU C 66 16.76 -3.89 -14.13
CA LEU C 66 17.83 -2.93 -14.42
C LEU C 66 18.49 -2.44 -13.16
N ALA C 67 17.68 -2.14 -12.15
CA ALA C 67 18.18 -1.59 -10.90
C ALA C 67 19.08 -2.59 -10.17
N ARG C 68 18.87 -3.89 -10.41
CA ARG C 68 19.70 -4.91 -9.79
C ARG C 68 21.09 -5.07 -10.45
N LYS C 69 21.29 -4.47 -11.62
CA LYS C 69 22.59 -4.53 -12.29
C LYS C 69 23.60 -3.68 -11.52
N GLU C 70 24.73 -4.29 -11.18
CA GLU C 70 25.76 -3.61 -10.41
C GLU C 70 26.36 -2.44 -11.17
N ASP C 71 26.35 -2.51 -12.48
CA ASP C 71 26.87 -1.43 -13.29
C ASP C 71 25.81 -0.43 -13.80
N ILE C 72 24.69 -0.32 -13.10
CA ILE C 72 23.71 0.72 -13.40
C ILE C 72 23.67 1.58 -12.15
N ASP C 73 23.92 2.89 -12.31
CA ASP C 73 23.95 3.78 -11.15
C ASP C 73 22.59 4.30 -10.75
N ALA C 74 21.66 4.38 -11.69
CA ALA C 74 20.30 4.86 -11.42
C ALA C 74 19.40 4.48 -12.58
N VAL C 75 18.12 4.34 -12.28
CA VAL C 75 17.14 4.02 -13.30
C VAL C 75 16.13 5.15 -13.45
N ILE C 76 15.79 5.43 -14.70
CA ILE C 76 14.86 6.45 -15.03
C ILE C 76 13.64 5.79 -15.63
N ALA C 77 12.50 5.93 -14.96
CA ALA C 77 11.23 5.36 -15.44
C ALA C 77 10.48 6.39 -16.27
N ILE C 78 10.16 6.00 -17.51
CA ILE C 78 9.49 6.85 -18.48
C ILE C 78 8.25 6.22 -19.05
N GLY C 79 7.14 6.94 -18.95
CA GLY C 79 5.87 6.48 -19.48
C GLY C 79 4.86 7.60 -19.56
N VAL C 80 3.75 7.35 -20.27
CA VAL C 80 2.70 8.35 -20.38
C VAL C 80 1.35 7.72 -20.13
N LEU C 81 0.73 8.10 -19.04
CA LEU C 81 -0.63 7.68 -18.70
C LEU C 81 -1.59 8.84 -18.90
N ILE C 82 -2.64 8.58 -19.66
CA ILE C 82 -3.66 9.58 -19.88
C ILE C 82 -5.00 8.95 -19.51
N ARG C 83 -5.72 9.61 -18.64
CA ARG C 83 -6.98 9.09 -18.12
C ARG C 83 -8.00 8.91 -19.23
N GLY C 84 -8.69 7.78 -19.19
CA GLY C 84 -9.74 7.50 -20.12
C GLY C 84 -11.12 7.63 -19.44
N ALA C 85 -12.05 6.76 -19.78
CA ALA C 85 -13.42 6.87 -19.28
C ALA C 85 -13.58 6.13 -17.96
N THR C 86 -12.69 5.18 -17.69
CA THR C 86 -12.82 4.38 -16.49
C THR C 86 -11.73 4.70 -15.47
N PRO C 87 -11.89 4.11 -14.30
CA PRO C 87 -10.93 4.19 -13.20
C PRO C 87 -9.61 3.45 -13.47
N HIS C 88 -9.53 2.78 -14.62
CA HIS C 88 -8.35 2.00 -14.94
C HIS C 88 -7.03 2.75 -14.77
N PHE C 89 -7.02 3.99 -15.22
CA PHE C 89 -5.90 4.93 -15.09
C PHE C 89 -5.40 4.97 -13.64
N ASP C 90 -6.33 5.13 -12.70
CA ASP C 90 -6.00 5.20 -11.29
C ASP C 90 -5.23 3.98 -10.80
N TYR C 91 -5.72 2.80 -11.12
CA TYR C 91 -5.07 1.60 -10.67
C TYR C 91 -3.69 1.41 -11.33
N ILE C 92 -3.54 1.73 -12.61
CA ILE C 92 -2.23 1.57 -13.22
C ILE C 92 -1.24 2.64 -12.66
N ALA C 93 -1.70 3.87 -12.54
CA ALA C 93 -0.86 4.94 -12.01
C ALA C 93 -0.43 4.62 -10.59
N SER C 94 -1.37 4.10 -9.79
CA SER C 94 -1.04 3.78 -8.40
C SER C 94 0.02 2.69 -8.35
N GLU C 95 -0.12 1.68 -9.17
CA GLU C 95 0.81 0.55 -9.08
C GLU C 95 2.15 0.87 -9.68
N VAL C 96 2.20 1.69 -10.71
CA VAL C 96 3.50 1.97 -11.28
C VAL C 96 4.32 2.80 -10.31
N SER C 97 3.70 3.80 -9.70
CA SER C 97 4.42 4.68 -8.77
C SER C 97 4.85 3.89 -7.52
N LYS C 98 3.95 3.07 -6.97
CA LYS C 98 4.30 2.29 -5.79
C LYS C 98 5.42 1.29 -6.07
N GLY C 99 5.36 0.62 -7.20
CA GLY C 99 6.38 -0.36 -7.54
C GLY C 99 7.75 0.27 -7.68
N LEU C 100 7.82 1.36 -8.41
CA LEU C 100 9.08 2.03 -8.59
C LEU C 100 9.65 2.49 -7.24
N ALA C 101 8.84 3.17 -6.43
CA ALA C 101 9.32 3.66 -5.14
C ALA C 101 9.76 2.50 -4.26
N ASN C 102 8.99 1.40 -4.24
CA ASN C 102 9.32 0.24 -3.42
C ASN C 102 10.64 -0.36 -3.90
N LEU C 103 10.84 -0.45 -5.20
CA LEU C 103 12.06 -1.03 -5.71
C LEU C 103 13.26 -0.20 -5.31
N SER C 104 13.10 1.11 -5.38
CA SER C 104 14.20 1.99 -5.03
C SER C 104 14.63 1.77 -3.57
N LEU C 105 13.66 1.62 -2.67
CA LEU C 105 13.98 1.44 -1.27
C LEU C 105 14.57 0.06 -1.00
N GLU C 106 14.04 -0.96 -1.67
CA GLU C 106 14.51 -2.32 -1.47
C GLU C 106 15.91 -2.49 -2.05
N LEU C 107 16.20 -1.91 -3.20
CA LEU C 107 17.49 -2.08 -3.82
C LEU C 107 18.47 -0.98 -3.41
N ARG C 108 17.98 -0.02 -2.62
CA ARG C 108 18.81 1.08 -2.18
C ARG C 108 19.55 1.74 -3.34
N LYS C 109 18.78 2.09 -4.36
CA LYS C 109 19.31 2.71 -5.56
C LYS C 109 18.27 3.66 -6.14
N PRO C 110 18.71 4.81 -6.65
CA PRO C 110 17.74 5.76 -7.18
C PRO C 110 17.03 5.29 -8.42
N ILE C 111 15.72 5.47 -8.36
CA ILE C 111 14.85 5.25 -9.47
C ILE C 111 14.00 6.50 -9.53
N THR C 112 14.14 7.25 -10.62
CA THR C 112 13.43 8.50 -10.76
C THR C 112 12.17 8.34 -11.60
N PHE C 113 11.25 9.26 -11.35
CA PHE C 113 9.91 9.19 -11.87
C PHE C 113 9.66 10.14 -13.03
N GLY C 114 9.70 9.59 -14.24
CA GLY C 114 9.43 10.37 -15.44
C GLY C 114 8.17 9.86 -16.13
N VAL C 115 7.18 9.48 -15.33
CA VAL C 115 5.93 8.98 -15.86
C VAL C 115 4.90 10.08 -15.77
N ILE C 116 4.37 10.49 -16.90
CA ILE C 116 3.33 11.51 -16.88
C ILE C 116 2.04 10.83 -16.47
N THR C 117 1.27 11.47 -15.59
CA THR C 117 -0.02 10.97 -15.17
C THR C 117 -1.01 12.06 -15.37
N ALA C 118 -1.50 12.16 -16.59
CA ALA C 118 -2.35 13.26 -17.01
C ALA C 118 -3.82 12.95 -17.11
N ASP C 119 -4.64 13.95 -16.84
CA ASP C 119 -6.06 13.80 -17.01
C ASP C 119 -6.43 13.92 -18.47
N THR C 120 -5.70 14.72 -19.24
CA THR C 120 -6.05 14.95 -20.64
C THR C 120 -4.85 14.82 -21.57
N LEU C 121 -5.14 14.64 -22.85
CA LEU C 121 -4.13 14.53 -23.86
C LEU C 121 -3.33 15.81 -23.86
N GLU C 122 -4.03 16.92 -23.72
CA GLU C 122 -3.36 18.21 -23.76
C GLU C 122 -2.31 18.33 -22.66
N GLN C 123 -2.67 17.93 -21.46
CA GLN C 123 -1.73 17.95 -20.34
C GLN C 123 -0.52 17.09 -20.66
N ALA C 124 -0.74 15.97 -21.33
CA ALA C 124 0.37 15.08 -21.62
C ALA C 124 1.31 15.73 -22.62
N ILE C 125 0.75 16.41 -23.63
CA ILE C 125 1.58 17.05 -24.67
C ILE C 125 2.38 18.18 -24.04
N GLU C 126 1.74 18.92 -23.14
CA GLU C 126 2.39 20.02 -22.46
C GLU C 126 3.68 19.57 -21.77
N ARG C 127 3.65 18.37 -21.20
CA ARG C 127 4.73 17.85 -20.37
C ARG C 127 5.72 16.97 -21.12
N ALA C 128 5.49 16.81 -22.41
CA ALA C 128 6.35 15.96 -23.23
C ALA C 128 7.09 16.77 -24.31
N GLY C 129 7.75 17.83 -23.86
CA GLY C 129 8.52 18.65 -24.75
C GLY C 129 7.84 19.87 -25.31
N THR C 130 6.73 20.29 -24.69
CA THR C 130 6.15 21.58 -25.06
C THR C 130 6.11 22.55 -23.88
N LYS C 131 4.95 23.12 -23.59
CA LYS C 131 4.97 24.33 -22.78
C LYS C 131 5.33 24.14 -21.34
N HIS C 132 5.18 22.92 -20.85
CA HIS C 132 5.53 22.66 -19.49
C HIS C 132 6.81 21.83 -19.44
N GLY C 133 7.61 21.86 -20.49
CA GLY C 133 8.88 21.14 -20.47
C GLY C 133 8.77 19.68 -20.85
N ASN C 134 9.76 18.92 -20.41
CA ASN C 134 9.94 17.52 -20.78
C ASN C 134 10.24 16.69 -19.55
N LYS C 135 9.25 15.86 -19.17
CA LYS C 135 9.37 15.07 -17.96
C LYS C 135 10.53 14.06 -18.02
N GLY C 136 10.89 13.59 -19.20
CA GLY C 136 12.07 12.73 -19.33
C GLY C 136 13.38 13.42 -18.99
N TRP C 137 13.52 14.66 -19.45
CA TRP C 137 14.68 15.49 -19.14
C TRP C 137 14.74 15.67 -17.60
N GLU C 138 13.59 15.98 -16.99
CA GLU C 138 13.53 16.24 -15.54
C GLU C 138 13.95 15.01 -14.75
N ALA C 139 13.44 13.85 -15.16
CA ALA C 139 13.77 12.62 -14.45
C ALA C 139 15.22 12.19 -14.69
N ALA C 140 15.75 12.48 -15.87
CA ALA C 140 17.16 12.19 -16.15
C ALA C 140 18.03 13.06 -15.25
N LEU C 141 17.73 14.35 -15.22
CA LEU C 141 18.50 15.28 -14.43
C LEU C 141 18.48 14.86 -12.97
N SER C 142 17.33 14.37 -12.50
CA SER C 142 17.25 13.92 -11.12
C SER C 142 18.15 12.71 -10.89
N ALA C 143 18.18 11.81 -11.86
CA ALA C 143 18.98 10.60 -11.78
C ALA C 143 20.48 10.89 -11.75
N ILE C 144 20.88 11.92 -12.50
CA ILE C 144 22.28 12.34 -12.51
C ILE C 144 22.64 12.79 -11.12
N GLU C 145 21.79 13.63 -10.55
CA GLU C 145 22.06 14.18 -9.23
C GLU C 145 22.11 13.08 -8.18
N MET C 146 21.13 12.17 -8.22
CA MET C 146 21.05 11.11 -7.23
C MET C 146 22.22 10.14 -7.35
N ALA C 147 22.61 9.79 -8.57
CA ALA C 147 23.77 8.92 -8.75
C ALA C 147 25.01 9.57 -8.17
N ASN C 148 25.20 10.86 -8.41
CA ASN C 148 26.36 11.53 -7.86
C ASN C 148 26.33 11.53 -6.32
N LEU C 149 25.16 11.84 -5.77
CA LEU C 149 24.96 11.91 -4.32
C LEU C 149 25.29 10.57 -3.74
N PHE C 150 24.81 9.52 -4.39
CA PHE C 150 25.02 8.19 -3.88
C PHE C 150 26.50 7.76 -3.91
N LYS C 151 27.35 8.47 -4.63
CA LYS C 151 28.77 8.13 -4.66
C LYS C 151 29.37 8.37 -3.27
N SER C 152 28.82 9.30 -2.50
CA SER C 152 29.31 9.56 -1.12
C SER C 152 28.32 9.10 -0.06
N LEU C 153 27.05 9.03 -0.39
CA LEU C 153 26.06 8.70 0.61
C LEU C 153 25.85 7.19 0.83
N ARG C 154 25.93 6.43 -0.26
CA ARG C 154 25.56 5.01 -0.26
C ARG C 154 26.63 4.11 0.36
N MET D 1 24.65 2.57 -27.17
CA MET D 1 23.54 2.32 -26.24
C MET D 1 23.08 0.88 -26.26
N GLN D 2 23.00 0.27 -25.09
CA GLN D 2 22.41 -1.04 -25.07
C GLN D 2 20.87 -0.94 -25.12
N ILE D 3 20.24 -1.69 -26.02
CA ILE D 3 18.80 -1.69 -26.16
C ILE D 3 18.23 -3.08 -26.00
N TYR D 4 17.25 -3.21 -25.10
CA TYR D 4 16.54 -4.45 -24.90
C TYR D 4 15.09 -4.26 -25.22
N GLU D 5 14.56 -5.19 -25.99
CA GLU D 5 13.15 -5.16 -26.26
C GLU D 5 12.63 -6.56 -26.54
N GLY D 6 11.32 -6.73 -26.44
CA GLY D 6 10.72 -8.00 -26.73
C GLY D 6 10.04 -7.98 -28.09
N LYS D 7 10.23 -9.05 -28.86
CA LYS D 7 9.49 -9.15 -30.09
C LYS D 7 8.16 -9.78 -29.78
N LEU D 8 7.31 -9.89 -30.80
CA LEU D 8 5.97 -10.40 -30.63
C LEU D 8 5.68 -11.78 -31.23
N THR D 9 6.69 -12.55 -31.58
CA THR D 9 6.45 -13.93 -32.02
C THR D 9 6.51 -14.75 -30.76
N ALA D 10 5.53 -15.65 -30.58
CA ALA D 10 5.39 -16.38 -29.33
C ALA D 10 5.86 -17.83 -29.34
N GLU D 11 6.59 -18.20 -30.37
CA GLU D 11 7.07 -19.56 -30.49
C GLU D 11 7.85 -20.06 -29.27
N GLY D 12 7.44 -21.19 -28.73
CA GLY D 12 8.08 -21.75 -27.55
C GLY D 12 7.72 -21.11 -26.22
N LEU D 13 6.91 -20.06 -26.22
CA LEU D 13 6.61 -19.39 -24.96
C LEU D 13 5.49 -20.12 -24.26
N ARG D 14 5.50 -20.09 -22.93
CA ARG D 14 4.48 -20.81 -22.18
C ARG D 14 3.80 -19.81 -21.27
N PHE D 15 2.48 -19.74 -21.30
CA PHE D 15 1.72 -18.73 -20.55
C PHE D 15 0.72 -19.30 -19.55
N GLY D 16 0.61 -18.61 -18.42
CA GLY D 16 -0.43 -18.88 -17.45
C GLY D 16 -1.51 -17.84 -17.59
N ILE D 17 -2.77 -18.25 -17.63
CA ILE D 17 -3.89 -17.31 -17.63
C ILE D 17 -4.72 -17.60 -16.39
N VAL D 18 -5.00 -16.56 -15.61
CA VAL D 18 -5.88 -16.72 -14.46
C VAL D 18 -7.12 -15.90 -14.75
N ALA D 19 -8.27 -16.56 -14.83
CA ALA D 19 -9.49 -15.90 -15.25
C ALA D 19 -10.60 -16.13 -14.25
N SER D 20 -11.21 -15.05 -13.82
CA SER D 20 -12.28 -15.14 -12.83
C SER D 20 -13.62 -15.43 -13.50
N ARG D 21 -14.62 -15.87 -12.71
CA ARG D 21 -15.94 -16.20 -13.23
C ARG D 21 -17.01 -15.10 -13.04
N PHE D 22 -16.82 -14.18 -12.11
CA PHE D 22 -17.78 -13.10 -11.95
C PHE D 22 -17.80 -12.36 -13.29
N ASN D 23 -18.99 -11.99 -13.79
CA ASN D 23 -19.12 -11.34 -15.09
C ASN D 23 -18.57 -12.19 -16.22
N HIS D 24 -18.78 -13.50 -16.15
CA HIS D 24 -18.19 -14.42 -17.10
C HIS D 24 -18.57 -14.19 -18.57
N ALA D 25 -19.78 -13.69 -18.82
CA ALA D 25 -20.20 -13.43 -20.20
C ALA D 25 -19.21 -12.48 -20.87
N LEU D 26 -18.56 -11.64 -20.08
CA LEU D 26 -17.54 -10.73 -20.60
C LEU D 26 -16.14 -11.33 -20.44
N VAL D 27 -15.88 -11.90 -19.27
CA VAL D 27 -14.57 -12.52 -19.07
C VAL D 27 -14.28 -13.55 -20.18
N ASP D 28 -15.29 -14.32 -20.51
CA ASP D 28 -15.12 -15.35 -21.52
C ASP D 28 -14.63 -14.79 -22.86
N ARG D 29 -15.03 -13.58 -23.19
CA ARG D 29 -14.57 -12.95 -24.42
C ARG D 29 -13.11 -12.54 -24.26
N LEU D 30 -12.74 -12.10 -23.06
CA LEU D 30 -11.35 -11.73 -22.80
C LEU D 30 -10.46 -12.97 -22.92
N VAL D 31 -10.93 -14.10 -22.42
CA VAL D 31 -10.18 -15.31 -22.49
C VAL D 31 -9.99 -15.75 -23.95
N GLU D 32 -11.03 -15.62 -24.76
CA GLU D 32 -10.96 -15.96 -26.18
C GLU D 32 -9.90 -15.10 -26.86
N GLY D 33 -9.88 -13.82 -26.51
CA GLY D 33 -8.93 -12.91 -27.12
C GLY D 33 -7.50 -13.22 -26.76
N ALA D 34 -7.25 -13.49 -25.48
CA ALA D 34 -5.93 -13.79 -25.02
C ALA D 34 -5.40 -15.08 -25.70
N ILE D 35 -6.21 -16.13 -25.76
CA ILE D 35 -5.76 -17.36 -26.39
C ILE D 35 -5.47 -17.16 -27.87
N ASP D 36 -6.39 -16.49 -28.57
CA ASP D 36 -6.23 -16.23 -29.99
C ASP D 36 -4.93 -15.42 -30.25
N CYS D 37 -4.68 -14.41 -29.42
CA CYS D 37 -3.49 -13.61 -29.58
C CYS D 37 -2.26 -14.50 -29.46
N ILE D 38 -2.26 -15.36 -28.47
CA ILE D 38 -1.12 -16.24 -28.26
C ILE D 38 -0.92 -17.18 -29.46
N VAL D 39 -1.99 -17.85 -29.84
CA VAL D 39 -1.91 -18.86 -30.89
C VAL D 39 -1.51 -18.25 -32.22
N ARG D 40 -2.13 -17.15 -32.62
CA ARG D 40 -1.86 -16.61 -33.94
C ARG D 40 -0.53 -15.85 -33.96
N HIS D 41 0.05 -15.62 -32.79
CA HIS D 41 1.42 -15.10 -32.75
C HIS D 41 2.47 -16.24 -32.73
N GLY D 42 2.05 -17.50 -32.88
CA GLY D 42 2.97 -18.63 -32.91
C GLY D 42 3.07 -19.47 -31.62
N GLY D 43 2.40 -19.06 -30.55
CA GLY D 43 2.41 -19.84 -29.33
C GLY D 43 1.55 -21.09 -29.47
N ARG D 44 1.84 -22.16 -28.75
CA ARG D 44 0.96 -23.32 -28.85
C ARG D 44 -0.04 -23.28 -27.74
N GLU D 45 -1.26 -23.64 -28.07
CA GLU D 45 -2.34 -23.64 -27.09
C GLU D 45 -2.00 -24.64 -25.98
N GLU D 46 -1.22 -25.66 -26.32
CA GLU D 46 -0.84 -26.65 -25.32
C GLU D 46 0.12 -26.07 -24.30
N ASP D 47 0.68 -24.92 -24.62
CA ASP D 47 1.61 -24.31 -23.71
C ASP D 47 0.90 -23.27 -22.88
N ILE D 48 -0.43 -23.28 -22.92
CA ILE D 48 -1.20 -22.36 -22.10
C ILE D 48 -1.76 -23.13 -20.94
N THR D 49 -1.65 -22.57 -19.76
CA THR D 49 -2.30 -23.13 -18.59
C THR D 49 -3.36 -22.11 -18.13
N LEU D 50 -4.62 -22.56 -18.08
CA LEU D 50 -5.72 -21.71 -17.70
C LEU D 50 -6.20 -22.11 -16.32
N VAL D 51 -6.24 -21.14 -15.41
CA VAL D 51 -6.77 -21.33 -14.07
C VAL D 51 -7.99 -20.45 -13.89
N ARG D 52 -9.08 -21.07 -13.46
CA ARG D 52 -10.32 -20.33 -13.14
C ARG D 52 -10.49 -20.16 -11.64
N VAL D 53 -10.99 -18.99 -11.26
CA VAL D 53 -11.26 -18.64 -9.88
C VAL D 53 -12.59 -17.90 -9.82
N PRO D 54 -13.21 -17.80 -8.64
CA PRO D 54 -14.52 -17.14 -8.50
C PRO D 54 -14.59 -15.68 -8.91
N GLY D 55 -13.76 -14.80 -8.33
CA GLY D 55 -13.82 -13.39 -8.66
C GLY D 55 -12.45 -12.78 -8.74
N SER D 56 -12.42 -11.51 -9.10
CA SER D 56 -11.17 -10.81 -9.23
C SER D 56 -10.40 -10.86 -7.95
N TRP D 57 -11.10 -10.87 -6.81
CA TRP D 57 -10.46 -10.94 -5.51
C TRP D 57 -9.49 -12.12 -5.43
N GLU D 58 -9.90 -13.24 -6.01
CA GLU D 58 -9.16 -14.48 -5.94
C GLU D 58 -8.08 -14.61 -7.01
N ILE D 59 -8.03 -13.70 -7.96
CA ILE D 59 -7.02 -13.81 -9.00
C ILE D 59 -5.58 -13.81 -8.50
N PRO D 60 -5.20 -12.90 -7.60
CA PRO D 60 -3.80 -12.86 -7.13
C PRO D 60 -3.27 -14.15 -6.53
N VAL D 61 -3.96 -14.73 -5.56
CA VAL D 61 -3.46 -15.95 -4.96
C VAL D 61 -3.25 -17.08 -5.98
N ALA D 62 -4.11 -17.20 -6.98
CA ALA D 62 -3.94 -18.21 -8.01
C ALA D 62 -2.76 -17.84 -8.91
N ALA D 63 -2.66 -16.56 -9.27
CA ALA D 63 -1.58 -16.11 -10.12
C ALA D 63 -0.23 -16.33 -9.44
N GLY D 64 -0.23 -16.20 -8.11
CA GLY D 64 0.97 -16.40 -7.34
C GLY D 64 1.48 -17.83 -7.51
N GLU D 65 0.56 -18.80 -7.58
CA GLU D 65 0.94 -20.19 -7.80
C GLU D 65 1.45 -20.43 -9.24
N LEU D 66 0.79 -19.82 -10.22
CA LEU D 66 1.18 -20.00 -11.60
C LEU D 66 2.53 -19.37 -11.88
N ALA D 67 2.74 -18.16 -11.35
CA ALA D 67 3.95 -17.42 -11.59
C ALA D 67 5.17 -18.12 -10.98
N ARG D 68 4.95 -18.93 -9.95
CA ARG D 68 6.04 -19.66 -9.32
C ARG D 68 6.46 -20.89 -10.12
N LYS D 69 5.68 -21.30 -11.11
CA LYS D 69 6.05 -22.44 -11.94
C LYS D 69 7.22 -22.08 -12.83
N GLU D 70 8.26 -22.90 -12.79
CA GLU D 70 9.47 -22.62 -13.55
C GLU D 70 9.24 -22.67 -15.04
N ASP D 71 8.25 -23.45 -15.45
CA ASP D 71 7.92 -23.56 -16.84
C ASP D 71 6.78 -22.65 -17.30
N ILE D 72 6.53 -21.55 -16.60
CA ILE D 72 5.57 -20.53 -17.04
C ILE D 72 6.41 -19.29 -17.27
N ASP D 73 6.36 -18.72 -18.46
CA ASP D 73 7.17 -17.56 -18.77
C ASP D 73 6.54 -16.25 -18.39
N ALA D 74 5.21 -16.20 -18.32
CA ALA D 74 4.49 -15.00 -17.94
C ALA D 74 3.06 -15.39 -17.60
N VAL D 75 2.43 -14.57 -16.75
CA VAL D 75 1.05 -14.79 -16.37
C VAL D 75 0.19 -13.62 -16.83
N ILE D 76 -0.99 -13.97 -17.31
CA ILE D 76 -1.95 -13.00 -17.78
C ILE D 76 -3.17 -13.04 -16.85
N ALA D 77 -3.43 -11.94 -16.17
CA ALA D 77 -4.57 -11.85 -15.26
C ALA D 77 -5.77 -11.28 -15.99
N ILE D 78 -6.86 -12.04 -15.97
CA ILE D 78 -8.09 -11.66 -16.68
C ILE D 78 -9.29 -11.65 -15.78
N GLY D 79 -10.00 -10.53 -15.74
CA GLY D 79 -11.19 -10.39 -14.94
C GLY D 79 -12.02 -9.21 -15.36
N VAL D 80 -13.25 -9.15 -14.87
CA VAL D 80 -14.12 -8.00 -15.17
C VAL D 80 -14.79 -7.50 -13.92
N LEU D 81 -14.41 -6.29 -13.53
CA LEU D 81 -15.01 -5.58 -12.41
C LEU D 81 -15.89 -4.45 -12.91
N ILE D 82 -17.12 -4.43 -12.44
CA ILE D 82 -18.05 -3.39 -12.81
C ILE D 82 -18.61 -2.80 -11.52
N ARG D 83 -18.47 -1.49 -11.37
CA ARG D 83 -18.88 -0.81 -10.15
C ARG D 83 -20.36 -0.95 -9.90
N GLY D 84 -20.70 -1.23 -8.65
CA GLY D 84 -22.10 -1.33 -8.25
C GLY D 84 -22.50 -0.12 -7.45
N ALA D 85 -23.30 -0.31 -6.41
CA ALA D 85 -23.82 0.83 -5.64
C ALA D 85 -22.89 1.25 -4.51
N THR D 86 -22.03 0.33 -4.10
CA THR D 86 -21.15 0.58 -2.98
C THR D 86 -19.68 0.72 -3.39
N PRO D 87 -18.88 1.11 -2.42
CA PRO D 87 -17.43 1.24 -2.56
C PRO D 87 -16.71 -0.11 -2.74
N HIS D 88 -17.46 -1.22 -2.66
CA HIS D 88 -16.87 -2.55 -2.73
C HIS D 88 -15.91 -2.72 -3.93
N PHE D 89 -16.34 -2.22 -5.08
CA PHE D 89 -15.57 -2.22 -6.32
C PHE D 89 -14.18 -1.64 -6.08
N ASP D 90 -14.10 -0.50 -5.40
CA ASP D 90 -12.83 0.15 -5.14
C ASP D 90 -11.86 -0.76 -4.39
N TYR D 91 -12.34 -1.38 -3.32
CA TYR D 91 -11.46 -2.21 -2.52
C TYR D 91 -11.03 -3.47 -3.28
N ILE D 92 -11.90 -4.08 -4.08
CA ILE D 92 -11.47 -5.26 -4.82
C ILE D 92 -10.48 -4.84 -5.95
N ALA D 93 -10.82 -3.78 -6.67
CA ALA D 93 -9.96 -3.33 -7.75
C ALA D 93 -8.59 -2.96 -7.17
N SER D 94 -8.56 -2.31 -6.02
CA SER D 94 -7.27 -1.91 -5.45
C SER D 94 -6.44 -3.12 -5.10
N GLU D 95 -7.08 -4.12 -4.50
CA GLU D 95 -6.32 -5.26 -4.03
C GLU D 95 -5.92 -6.16 -5.17
N VAL D 96 -6.71 -6.27 -6.22
CA VAL D 96 -6.31 -7.16 -7.29
C VAL D 96 -5.09 -6.58 -8.01
N SER D 97 -5.13 -5.28 -8.26
CA SER D 97 -4.03 -4.65 -8.97
C SER D 97 -2.75 -4.66 -8.12
N LYS D 98 -2.86 -4.32 -6.85
CA LYS D 98 -1.69 -4.33 -5.98
C LYS D 98 -1.10 -5.73 -5.83
N GLY D 99 -1.93 -6.75 -5.67
CA GLY D 99 -1.44 -8.10 -5.52
C GLY D 99 -0.67 -8.57 -6.75
N LEU D 100 -1.26 -8.36 -7.93
CA LEU D 100 -0.61 -8.76 -9.14
C LEU D 100 0.74 -8.05 -9.31
N ALA D 101 0.75 -6.73 -9.14
CA ALA D 101 2.00 -5.99 -9.31
C ALA D 101 3.04 -6.45 -8.29
N ASN D 102 2.62 -6.66 -7.05
CA ASN D 102 3.56 -7.10 -6.00
C ASN D 102 4.12 -8.47 -6.35
N LEU D 103 3.28 -9.37 -6.85
CA LEU D 103 3.75 -10.71 -7.16
C LEU D 103 4.77 -10.65 -8.29
N SER D 104 4.50 -9.82 -9.28
CA SER D 104 5.43 -9.71 -10.37
C SER D 104 6.83 -9.27 -9.89
N LEU D 105 6.89 -8.30 -8.98
CA LEU D 105 8.15 -7.79 -8.48
C LEU D 105 8.84 -8.79 -7.59
N GLU D 106 8.07 -9.49 -6.75
CA GLU D 106 8.63 -10.47 -5.85
C GLU D 106 9.15 -11.69 -6.61
N LEU D 107 8.42 -12.15 -7.62
CA LEU D 107 8.83 -13.34 -8.33
C LEU D 107 9.70 -13.01 -9.55
N ARG D 108 9.90 -11.72 -9.80
CA ARG D 108 10.68 -11.25 -10.93
C ARG D 108 10.26 -11.93 -12.24
N LYS D 109 8.96 -11.86 -12.48
CA LYS D 109 8.36 -12.44 -13.66
C LYS D 109 7.16 -11.61 -14.11
N PRO D 110 6.99 -11.45 -15.41
CA PRO D 110 5.88 -10.62 -15.87
C PRO D 110 4.53 -11.21 -15.59
N ILE D 111 3.68 -10.34 -15.07
CA ILE D 111 2.28 -10.61 -14.85
C ILE D 111 1.57 -9.41 -15.42
N THR D 112 0.80 -9.63 -16.49
CA THR D 112 0.13 -8.55 -17.18
C THR D 112 -1.32 -8.41 -16.73
N PHE D 113 -1.80 -7.20 -16.90
CA PHE D 113 -3.08 -6.76 -16.38
C PHE D 113 -4.16 -6.70 -17.43
N GLY D 114 -5.00 -7.74 -17.46
CA GLY D 114 -6.13 -7.79 -18.38
C GLY D 114 -7.44 -7.78 -17.60
N VAL D 115 -7.46 -7.02 -16.51
CA VAL D 115 -8.63 -6.87 -15.66
C VAL D 115 -9.32 -5.58 -16.00
N ILE D 116 -10.57 -5.67 -16.47
CA ILE D 116 -11.35 -4.47 -16.74
C ILE D 116 -11.83 -3.92 -15.42
N THR D 117 -11.70 -2.62 -15.23
CA THR D 117 -12.21 -1.97 -14.04
C THR D 117 -13.11 -0.84 -14.49
N ALA D 118 -14.37 -1.20 -14.76
CA ALA D 118 -15.31 -0.27 -15.37
C ALA D 118 -16.34 0.31 -14.42
N ASP D 119 -16.75 1.52 -14.72
CA ASP D 119 -17.81 2.14 -13.95
C ASP D 119 -19.15 1.61 -14.38
N THR D 120 -19.30 1.23 -15.64
CA THR D 120 -20.60 0.79 -16.15
C THR D 120 -20.48 -0.47 -16.98
N LEU D 121 -21.62 -1.14 -17.15
CA LEU D 121 -21.70 -2.35 -17.93
C LEU D 121 -21.26 -2.02 -19.33
N GLU D 122 -21.71 -0.88 -19.83
CA GLU D 122 -21.42 -0.51 -21.19
C GLU D 122 -19.91 -0.42 -21.43
N GLN D 123 -19.21 0.24 -20.51
CA GLN D 123 -17.78 0.35 -20.58
C GLN D 123 -17.13 -1.01 -20.60
N ALA D 124 -17.67 -1.94 -19.83
CA ALA D 124 -17.10 -3.27 -19.78
C ALA D 124 -17.29 -3.96 -21.12
N ILE D 125 -18.46 -3.82 -21.73
CA ILE D 125 -18.75 -4.48 -23.03
C ILE D 125 -17.82 -3.90 -24.11
N GLU D 126 -17.62 -2.59 -24.05
CA GLU D 126 -16.77 -1.92 -25.01
C GLU D 126 -15.37 -2.51 -25.04
N ARG D 127 -14.89 -2.90 -23.86
CA ARG D 127 -13.51 -3.37 -23.70
C ARG D 127 -13.34 -4.88 -23.75
N ALA D 128 -14.45 -5.59 -23.98
CA ALA D 128 -14.43 -7.04 -24.01
C ALA D 128 -14.78 -7.56 -25.40
N GLY D 129 -14.10 -7.04 -26.42
CA GLY D 129 -14.33 -7.49 -27.76
C GLY D 129 -15.30 -6.69 -28.59
N THR D 130 -15.61 -5.46 -28.16
CA THR D 130 -16.38 -4.57 -29.02
C THR D 130 -15.59 -3.31 -29.34
N LYS D 131 -16.17 -2.13 -29.12
CA LYS D 131 -15.63 -0.96 -29.82
C LYS D 131 -14.29 -0.45 -29.33
N HIS D 132 -13.94 -0.82 -28.12
CA HIS D 132 -12.68 -0.42 -27.60
C HIS D 132 -11.74 -1.62 -27.56
N GLY D 133 -12.01 -2.66 -28.37
CA GLY D 133 -11.09 -3.79 -28.40
C GLY D 133 -11.33 -4.84 -27.32
N ASN D 134 -10.29 -5.61 -27.05
CA ASN D 134 -10.36 -6.75 -26.17
C ASN D 134 -9.17 -6.73 -25.20
N LYS D 135 -9.49 -6.44 -23.94
CA LYS D 135 -8.44 -6.32 -22.94
C LYS D 135 -7.64 -7.61 -22.71
N GLY D 136 -8.24 -8.77 -22.95
CA GLY D 136 -7.51 -10.02 -22.90
C GLY D 136 -6.42 -10.13 -23.97
N TRP D 137 -6.76 -9.74 -25.19
CA TRP D 137 -5.84 -9.72 -26.32
C TRP D 137 -4.67 -8.80 -25.93
N GLU D 138 -4.99 -7.63 -25.38
CA GLU D 138 -3.98 -6.62 -25.05
C GLU D 138 -3.02 -7.16 -23.99
N ALA D 139 -3.55 -7.83 -22.98
CA ALA D 139 -2.73 -8.33 -21.92
C ALA D 139 -1.92 -9.55 -22.40
N ALA D 140 -2.48 -10.34 -23.30
CA ALA D 140 -1.73 -11.45 -23.85
C ALA D 140 -0.56 -10.92 -24.67
N LEU D 141 -0.83 -9.94 -25.54
CA LEU D 141 0.22 -9.37 -26.36
C LEU D 141 1.34 -8.81 -25.51
N SER D 142 0.96 -8.19 -24.40
CA SER D 142 1.98 -7.64 -23.50
C SER D 142 2.80 -8.79 -22.89
N ALA D 143 2.14 -9.89 -22.56
CA ALA D 143 2.82 -11.00 -21.95
C ALA D 143 3.82 -11.64 -22.91
N ILE D 144 3.48 -11.67 -24.19
CA ILE D 144 4.38 -12.21 -25.21
C ILE D 144 5.62 -11.33 -25.26
N GLU D 145 5.40 -10.04 -25.31
CA GLU D 145 6.53 -9.10 -25.40
C GLU D 145 7.44 -9.24 -24.18
N MET D 146 6.82 -9.25 -23.00
CA MET D 146 7.60 -9.28 -21.77
C MET D 146 8.37 -10.59 -21.61
N ALA D 147 7.75 -11.70 -21.98
CA ALA D 147 8.44 -12.99 -21.91
C ALA D 147 9.65 -12.97 -22.84
N ASN D 148 9.47 -12.47 -24.05
CA ASN D 148 10.59 -12.37 -24.96
C ASN D 148 11.70 -11.48 -24.40
N LEU D 149 11.32 -10.33 -23.87
CA LEU D 149 12.26 -9.38 -23.30
C LEU D 149 13.03 -10.03 -22.21
N PHE D 150 12.33 -10.77 -21.38
CA PHE D 150 12.97 -11.40 -20.24
C PHE D 150 13.96 -12.52 -20.64
N LYS D 151 13.93 -12.99 -21.89
CA LYS D 151 14.88 -14.01 -22.32
C LYS D 151 16.29 -13.41 -22.30
N SER D 152 16.42 -12.09 -22.50
CA SER D 152 17.74 -11.46 -22.46
C SER D 152 17.92 -10.56 -21.24
N LEU D 153 16.83 -10.09 -20.66
CA LEU D 153 16.95 -9.16 -19.56
C LEU D 153 17.09 -9.81 -18.16
N ARG D 154 16.40 -10.93 -17.98
CA ARG D 154 16.26 -11.60 -16.68
C ARG D 154 17.50 -12.39 -16.30
N MET E 1 -4.26 -27.64 -23.95
CA MET E 1 -4.25 -26.65 -22.90
C MET E 1 -4.44 -27.31 -21.53
N GLN E 2 -3.62 -26.97 -20.54
CA GLN E 2 -3.90 -27.44 -19.18
C GLN E 2 -4.96 -26.53 -18.51
N ILE E 3 -5.99 -27.13 -17.92
CA ILE E 3 -7.06 -26.40 -17.28
C ILE E 3 -7.21 -26.82 -15.83
N TYR E 4 -7.16 -25.84 -14.93
CA TYR E 4 -7.37 -26.08 -13.53
C TYR E 4 -8.60 -25.34 -13.06
N GLU E 5 -9.44 -26.03 -12.33
CA GLU E 5 -10.57 -25.36 -11.75
C GLU E 5 -11.03 -26.09 -10.50
N GLY E 6 -11.79 -25.41 -9.67
CA GLY E 6 -12.28 -26.01 -8.47
C GLY E 6 -13.75 -26.33 -8.62
N LYS E 7 -14.13 -27.51 -8.16
CA LYS E 7 -15.55 -27.84 -8.14
C LYS E 7 -16.13 -27.32 -6.87
N LEU E 8 -17.45 -27.49 -6.72
CA LEU E 8 -18.15 -26.92 -5.56
C LEU E 8 -18.68 -27.92 -4.54
N THR E 9 -18.23 -29.17 -4.54
CA THR E 9 -18.62 -30.12 -3.50
C THR E 9 -17.58 -29.94 -2.42
N ALA E 10 -18.02 -29.83 -1.17
CA ALA E 10 -17.12 -29.46 -0.08
C ALA E 10 -16.71 -30.61 0.84
N GLU E 11 -16.96 -31.82 0.39
CA GLU E 11 -16.64 -32.99 1.19
C GLU E 11 -15.18 -33.02 1.63
N GLY E 12 -14.95 -33.15 2.92
CA GLY E 12 -13.60 -33.21 3.47
C GLY E 12 -12.88 -31.88 3.60
N LEU E 13 -13.51 -30.79 3.18
CA LEU E 13 -12.81 -29.51 3.25
C LEU E 13 -12.97 -28.93 4.63
N ARG E 14 -11.99 -28.17 5.07
CA ARG E 14 -12.02 -27.59 6.40
C ARG E 14 -11.87 -26.08 6.27
N PHE E 15 -12.77 -25.31 6.88
CA PHE E 15 -12.78 -23.86 6.72
C PHE E 15 -12.64 -23.09 8.03
N GLY E 16 -11.93 -21.96 7.94
CA GLY E 16 -11.87 -21.00 8.99
C GLY E 16 -12.77 -19.82 8.63
N ILE E 17 -13.60 -19.39 9.55
CA ILE E 17 -14.40 -18.20 9.37
C ILE E 17 -14.00 -17.22 10.44
N VAL E 18 -13.68 -15.99 10.05
CA VAL E 18 -13.39 -14.93 11.02
C VAL E 18 -14.50 -13.92 10.86
N ALA E 19 -15.28 -13.71 11.91
CA ALA E 19 -16.44 -12.84 11.89
C ALA E 19 -16.40 -11.79 12.97
N SER E 20 -16.55 -10.54 12.57
CA SER E 20 -16.51 -9.43 13.51
C SER E 20 -17.89 -9.22 14.17
N ARG E 21 -17.92 -8.47 15.27
CA ARG E 21 -19.15 -8.22 16.03
C ARG E 21 -19.80 -6.85 15.75
N PHE E 22 -19.05 -5.88 15.25
CA PHE E 22 -19.65 -4.59 14.92
C PHE E 22 -20.74 -4.91 13.87
N ASN E 23 -21.91 -4.30 14.00
CA ASN E 23 -23.01 -4.54 13.10
C ASN E 23 -23.45 -6.00 13.09
N HIS E 24 -23.42 -6.63 14.26
CA HIS E 24 -23.67 -8.06 14.36
C HIS E 24 -25.04 -8.53 13.85
N ALA E 25 -26.06 -7.68 13.97
CA ALA E 25 -27.40 -8.05 13.49
C ALA E 25 -27.32 -8.41 12.01
N LEU E 26 -26.35 -7.84 11.29
CA LEU E 26 -26.14 -8.18 9.90
C LEU E 26 -25.06 -9.23 9.73
N VAL E 27 -23.96 -9.07 10.46
CA VAL E 27 -22.90 -10.06 10.38
C VAL E 27 -23.47 -11.46 10.66
N ASP E 28 -24.32 -11.54 11.65
CA ASP E 28 -24.86 -12.83 12.01
C ASP E 28 -25.57 -13.53 10.85
N ARG E 29 -26.20 -12.77 9.98
CA ARG E 29 -26.87 -13.34 8.82
C ARG E 29 -25.83 -13.83 7.82
N LEU E 30 -24.72 -13.10 7.70
CA LEU E 30 -23.64 -13.51 6.82
C LEU E 30 -23.04 -14.82 7.33
N VAL E 31 -22.90 -14.93 8.64
CA VAL E 31 -22.35 -16.15 9.20
C VAL E 31 -23.29 -17.33 8.94
N GLU E 32 -24.60 -17.11 9.06
CA GLU E 32 -25.56 -18.16 8.79
C GLU E 32 -25.45 -18.62 7.34
N GLY E 33 -25.27 -17.67 6.44
CA GLY E 33 -25.17 -18.01 5.03
C GLY E 33 -23.92 -18.79 4.71
N ALA E 34 -22.79 -18.38 5.28
CA ALA E 34 -21.54 -19.07 5.02
C ALA E 34 -21.60 -20.53 5.51
N ILE E 35 -22.11 -20.73 6.72
CA ILE E 35 -22.18 -22.08 7.25
C ILE E 35 -23.12 -22.95 6.42
N ASP E 36 -24.30 -22.42 6.09
CA ASP E 36 -25.27 -23.15 5.31
C ASP E 36 -24.69 -23.58 3.95
N CYS E 37 -23.97 -22.65 3.32
CA CYS E 37 -23.36 -22.91 2.02
C CYS E 37 -22.38 -24.08 2.15
N ILE E 38 -21.55 -24.02 3.18
CA ILE E 38 -20.61 -25.09 3.40
C ILE E 38 -21.29 -26.43 3.64
N VAL E 39 -22.25 -26.43 4.56
CA VAL E 39 -22.90 -27.69 4.92
C VAL E 39 -23.68 -28.30 3.77
N ARG E 40 -24.48 -27.51 3.08
CA ARG E 40 -25.32 -28.08 2.04
C ARG E 40 -24.53 -28.38 0.78
N HIS E 41 -23.28 -27.93 0.71
CA HIS E 41 -22.40 -28.37 -0.35
C HIS E 41 -21.60 -29.62 0.02
N GLY E 42 -21.90 -30.22 1.18
CA GLY E 42 -21.22 -31.46 1.62
C GLY E 42 -20.13 -31.32 2.70
N GLY E 43 -19.80 -30.10 3.10
CA GLY E 43 -18.81 -29.89 4.13
C GLY E 43 -19.38 -30.23 5.50
N ARG E 44 -18.55 -30.61 6.47
CA ARG E 44 -19.09 -30.87 7.80
C ARG E 44 -18.95 -29.65 8.66
N GLU E 45 -19.98 -29.36 9.43
CA GLU E 45 -19.96 -28.21 10.29
C GLU E 45 -18.84 -28.38 11.31
N GLU E 46 -18.50 -29.63 11.61
CA GLU E 46 -17.44 -29.88 12.55
C GLU E 46 -16.09 -29.50 11.99
N ASP E 47 -16.05 -29.31 10.68
CA ASP E 47 -14.80 -28.97 10.05
C ASP E 47 -14.73 -27.47 9.90
N ILE E 48 -15.63 -26.74 10.56
CA ILE E 48 -15.59 -25.28 10.49
C ILE E 48 -15.04 -24.77 11.79
N THR E 49 -14.11 -23.84 11.70
CA THR E 49 -13.60 -23.13 12.87
C THR E 49 -14.03 -21.67 12.77
N LEU E 50 -14.81 -21.20 13.74
CA LEU E 50 -15.32 -19.84 13.74
C LEU E 50 -14.57 -19.05 14.78
N VAL E 51 -13.98 -17.92 14.37
CA VAL E 51 -13.32 -16.98 15.26
C VAL E 51 -14.06 -15.65 15.24
N ARG E 52 -14.42 -15.15 16.42
CA ARG E 52 -15.06 -13.85 16.55
C ARG E 52 -14.07 -12.81 17.01
N VAL E 53 -14.21 -11.60 16.47
CA VAL E 53 -13.37 -10.46 16.84
C VAL E 53 -14.27 -9.21 16.93
N PRO E 54 -13.79 -8.16 17.58
CA PRO E 54 -14.61 -6.94 17.74
C PRO E 54 -15.06 -6.25 16.49
N GLY E 55 -14.15 -5.88 15.60
CA GLY E 55 -14.53 -5.18 14.38
C GLY E 55 -13.75 -5.62 13.17
N SER E 56 -14.10 -5.06 12.02
CA SER E 56 -13.43 -5.43 10.78
C SER E 56 -11.93 -5.19 10.90
N TRP E 57 -11.56 -4.15 11.67
CA TRP E 57 -10.16 -3.83 11.88
C TRP E 57 -9.36 -5.04 12.38
N GLU E 58 -9.98 -5.80 13.29
CA GLU E 58 -9.33 -6.93 13.90
C GLU E 58 -9.42 -8.24 13.10
N ILE E 59 -10.17 -8.24 12.02
CA ILE E 59 -10.29 -9.45 11.22
C ILE E 59 -8.94 -9.99 10.68
N PRO E 60 -8.10 -9.16 10.08
CA PRO E 60 -6.83 -9.67 9.51
C PRO E 60 -5.93 -10.39 10.49
N VAL E 61 -5.63 -9.80 11.64
CA VAL E 61 -4.76 -10.49 12.58
C VAL E 61 -5.30 -11.86 13.00
N ALA E 62 -6.62 -11.99 13.18
CA ALA E 62 -7.16 -13.29 13.53
C ALA E 62 -7.11 -14.25 12.33
N ALA E 63 -7.42 -13.74 11.14
CA ALA E 63 -7.37 -14.56 9.95
C ALA E 63 -5.95 -15.08 9.69
N GLY E 64 -4.96 -14.26 10.04
CA GLY E 64 -3.57 -14.61 9.87
C GLY E 64 -3.26 -15.85 10.71
N GLU E 65 -3.83 -15.95 11.90
CA GLU E 65 -3.63 -17.14 12.75
C GLU E 65 -4.35 -18.37 12.20
N LEU E 66 -5.57 -18.19 11.70
CA LEU E 66 -6.33 -19.30 11.14
C LEU E 66 -5.71 -19.84 9.88
N ALA E 67 -5.28 -18.94 9.01
CA ALA E 67 -4.71 -19.31 7.73
C ALA E 67 -3.41 -20.07 7.88
N ARG E 68 -2.71 -19.84 9.00
CA ARG E 68 -1.47 -20.55 9.27
C ARG E 68 -1.68 -22.00 9.75
N LYS E 69 -2.91 -22.35 10.12
CA LYS E 69 -3.20 -23.73 10.55
C LYS E 69 -3.11 -24.66 9.36
N GLU E 70 -2.33 -25.71 9.51
CA GLU E 70 -2.13 -26.68 8.42
C GLU E 70 -3.42 -27.41 8.05
N ASP E 71 -4.31 -27.55 9.01
CA ASP E 71 -5.56 -28.21 8.76
C ASP E 71 -6.74 -27.27 8.46
N ILE E 72 -6.45 -26.07 7.97
CA ILE E 72 -7.49 -25.17 7.47
C ILE E 72 -7.19 -25.02 6.00
N ASP E 73 -8.18 -25.31 5.16
CA ASP E 73 -7.96 -25.25 3.72
C ASP E 73 -8.20 -23.87 3.13
N ALA E 74 -9.04 -23.06 3.78
CA ALA E 74 -9.32 -21.71 3.31
C ALA E 74 -9.97 -20.93 4.43
N VAL E 75 -9.80 -19.62 4.40
CA VAL E 75 -10.41 -18.76 5.40
C VAL E 75 -11.40 -17.83 4.72
N ILE E 76 -12.52 -17.64 5.41
CA ILE E 76 -13.59 -16.78 4.97
C ILE E 76 -13.68 -15.60 5.93
N ALA E 77 -13.42 -14.39 5.42
CA ALA E 77 -13.51 -13.19 6.23
C ALA E 77 -14.89 -12.58 6.11
N ILE E 78 -15.54 -12.38 7.25
CA ILE E 78 -16.90 -11.86 7.32
C ILE E 78 -17.02 -10.65 8.24
N GLY E 79 -17.54 -9.58 7.71
CA GLY E 79 -17.75 -8.37 8.47
C GLY E 79 -18.70 -7.41 7.74
N VAL E 80 -19.15 -6.39 8.48
CA VAL E 80 -20.04 -5.40 7.91
C VAL E 80 -19.58 -4.00 8.28
N LEU E 81 -19.11 -3.28 7.28
CA LEU E 81 -18.73 -1.89 7.42
C LEU E 81 -19.79 -1.01 6.80
N ILE E 82 -20.25 -0.03 7.57
CA ILE E 82 -21.22 0.92 7.04
C ILE E 82 -20.68 2.33 7.30
N ARG E 83 -20.57 3.13 6.26
CA ARG E 83 -19.99 4.46 6.37
C ARG E 83 -20.80 5.33 7.29
N GLY E 84 -20.06 6.07 8.10
CA GLY E 84 -20.65 7.03 9.01
C GLY E 84 -20.38 8.45 8.53
N ALA E 85 -20.14 9.35 9.46
CA ALA E 85 -19.99 10.76 9.12
C ALA E 85 -18.56 11.12 8.72
N THR E 86 -17.60 10.32 9.20
CA THR E 86 -16.21 10.61 8.95
C THR E 86 -15.57 9.64 7.96
N PRO E 87 -14.36 9.96 7.59
CA PRO E 87 -13.51 9.13 6.71
C PRO E 87 -13.05 7.82 7.37
N HIS E 88 -13.42 7.61 8.62
CA HIS E 88 -12.98 6.44 9.37
C HIS E 88 -13.23 5.12 8.62
N PHE E 89 -14.42 5.03 8.02
CA PHE E 89 -14.82 3.90 7.20
C PHE E 89 -13.75 3.59 6.15
N ASP E 90 -13.30 4.61 5.45
CA ASP E 90 -12.30 4.43 4.39
C ASP E 90 -11.03 3.77 4.90
N TYR E 91 -10.49 4.26 6.00
CA TYR E 91 -9.26 3.69 6.50
C TYR E 91 -9.47 2.27 7.02
N ILE E 92 -10.60 1.95 7.66
CA ILE E 92 -10.77 0.59 8.12
C ILE E 92 -10.98 -0.37 6.91
N ALA E 93 -11.84 0.04 5.98
CA ALA E 93 -12.10 -0.77 4.81
C ALA E 93 -10.80 -1.00 4.02
N SER E 94 -9.97 0.03 3.91
CA SER E 94 -8.74 -0.11 3.16
C SER E 94 -7.83 -1.12 3.83
N GLU E 95 -7.71 -1.05 5.14
CA GLU E 95 -6.78 -1.91 5.83
C GLU E 95 -7.28 -3.31 5.96
N VAL E 96 -8.58 -3.51 6.07
CA VAL E 96 -9.05 -4.89 6.19
C VAL E 96 -8.85 -5.63 4.86
N SER E 97 -9.15 -4.97 3.76
CA SER E 97 -9.01 -5.61 2.47
C SER E 97 -7.53 -5.86 2.14
N LYS E 98 -6.68 -4.88 2.40
CA LYS E 98 -5.26 -5.06 2.11
C LYS E 98 -4.64 -6.16 2.98
N GLY E 99 -4.99 -6.21 4.26
CA GLY E 99 -4.45 -7.22 5.15
C GLY E 99 -4.83 -8.62 4.71
N LEU E 100 -6.11 -8.81 4.40
CA LEU E 100 -6.55 -10.11 3.98
C LEU E 100 -5.86 -10.53 2.69
N ALA E 101 -5.81 -9.65 1.71
CA ALA E 101 -5.19 -10.00 0.45
C ALA E 101 -3.70 -10.31 0.65
N ASN E 102 -3.02 -9.50 1.47
CA ASN E 102 -1.61 -9.69 1.73
C ASN E 102 -1.38 -11.03 2.40
N LEU E 103 -2.24 -11.39 3.36
CA LEU E 103 -2.05 -12.65 4.06
C LEU E 103 -2.22 -13.81 3.12
N SER E 104 -3.19 -13.73 2.23
CA SER E 104 -3.43 -14.80 1.30
C SER E 104 -2.18 -15.06 0.42
N LEU E 105 -1.52 -14.00 -0.04
CA LEU E 105 -0.36 -14.13 -0.90
C LEU E 105 0.84 -14.62 -0.11
N GLU E 106 1.01 -14.11 1.11
CA GLU E 106 2.12 -14.52 1.93
C GLU E 106 1.98 -15.98 2.37
N LEU E 107 0.79 -16.41 2.75
CA LEU E 107 0.62 -17.76 3.23
C LEU E 107 0.26 -18.74 2.10
N ARG E 108 0.10 -18.21 0.89
CA ARG E 108 -0.25 -19.00 -0.28
C ARG E 108 -1.45 -19.90 0.02
N LYS E 109 -2.50 -19.27 0.52
CA LYS E 109 -3.74 -19.94 0.87
C LYS E 109 -4.93 -19.02 0.64
N PRO E 110 -6.04 -19.57 0.14
CA PRO E 110 -7.18 -18.70 -0.14
C PRO E 110 -7.81 -18.13 1.09
N ILE E 111 -8.06 -16.83 0.99
CA ILE E 111 -8.80 -16.09 2.00
C ILE E 111 -9.79 -15.28 1.18
N THR E 112 -11.07 -15.59 1.36
CA THR E 112 -12.11 -14.93 0.60
C THR E 112 -12.74 -13.77 1.37
N PHE E 113 -13.30 -12.88 0.58
CA PHE E 113 -13.77 -11.59 1.04
C PHE E 113 -15.27 -11.53 1.18
N GLY E 114 -15.75 -11.68 2.40
CA GLY E 114 -17.17 -11.57 2.68
C GLY E 114 -17.45 -10.38 3.59
N VAL E 115 -16.70 -9.30 3.39
CA VAL E 115 -16.89 -8.10 4.18
C VAL E 115 -17.70 -7.11 3.38
N ILE E 116 -18.86 -6.72 3.88
CA ILE E 116 -19.67 -5.73 3.20
C ILE E 116 -19.04 -4.37 3.49
N THR E 117 -18.93 -3.54 2.46
CA THR E 117 -18.40 -2.18 2.61
C THR E 117 -19.41 -1.26 1.99
N ALA E 118 -20.42 -0.94 2.78
CA ALA E 118 -21.56 -0.18 2.31
C ALA E 118 -21.57 1.27 2.70
N ASP E 119 -22.17 2.07 1.84
CA ASP E 119 -22.35 3.48 2.16
C ASP E 119 -23.51 3.68 3.11
N THR E 120 -24.53 2.84 3.01
CA THR E 120 -25.74 3.03 3.82
C THR E 120 -26.17 1.74 4.48
N LEU E 121 -26.99 1.88 5.51
CA LEU E 121 -27.55 0.76 6.23
C LEU E 121 -28.34 -0.09 5.27
N GLU E 122 -29.10 0.58 4.41
CA GLU E 122 -29.93 -0.13 3.48
C GLU E 122 -29.10 -1.05 2.57
N GLN E 123 -28.00 -0.54 2.03
CA GLN E 123 -27.13 -1.33 1.22
C GLN E 123 -26.62 -2.54 1.99
N ALA E 124 -26.33 -2.36 3.26
CA ALA E 124 -25.82 -3.46 4.04
C ALA E 124 -26.89 -4.53 4.22
N ILE E 125 -28.14 -4.12 4.45
CA ILE E 125 -29.24 -5.09 4.67
C ILE E 125 -29.47 -5.87 3.39
N GLU E 126 -29.40 -5.15 2.27
CA GLU E 126 -29.61 -5.74 0.96
C GLU E 126 -28.68 -6.90 0.73
N ARG E 127 -27.44 -6.75 1.21
CA ARG E 127 -26.39 -7.74 0.95
C ARG E 127 -26.21 -8.77 2.06
N ALA E 128 -27.05 -8.70 3.08
CA ALA E 128 -26.94 -9.61 4.20
C ALA E 128 -28.17 -10.52 4.32
N GLY E 129 -28.50 -11.19 3.22
CA GLY E 129 -29.63 -12.08 3.20
C GLY E 129 -30.94 -11.49 2.75
N THR E 130 -30.92 -10.34 2.08
CA THR E 130 -32.15 -9.84 1.45
C THR E 130 -31.97 -9.70 -0.05
N LYS E 131 -32.29 -8.53 -0.63
CA LYS E 131 -32.54 -8.51 -2.06
C LYS E 131 -31.34 -8.67 -2.95
N HIS E 132 -30.18 -8.44 -2.39
CA HIS E 132 -28.99 -8.60 -3.17
C HIS E 132 -28.24 -9.83 -2.68
N GLY E 133 -28.93 -10.77 -2.02
CA GLY E 133 -28.28 -11.99 -1.57
C GLY E 133 -27.56 -11.88 -0.25
N ASN E 134 -26.60 -12.78 -0.08
CA ASN E 134 -25.89 -12.95 1.19
C ASN E 134 -24.39 -13.06 0.93
N LYS E 135 -23.65 -12.02 1.32
CA LYS E 135 -22.23 -11.97 1.05
C LYS E 135 -21.45 -13.08 1.75
N GLY E 136 -21.92 -13.56 2.90
CA GLY E 136 -21.29 -14.71 3.53
C GLY E 136 -21.39 -16.00 2.70
N TRP E 137 -22.56 -16.23 2.12
CA TRP E 137 -22.79 -17.40 1.26
C TRP E 137 -21.80 -17.28 0.08
N GLU E 138 -21.72 -16.09 -0.51
CA GLU E 138 -20.84 -15.86 -1.66
C GLU E 138 -19.37 -16.14 -1.35
N ALA E 139 -18.92 -15.65 -0.21
CA ALA E 139 -17.54 -15.85 0.16
C ALA E 139 -17.26 -17.31 0.56
N ALA E 140 -18.25 -17.98 1.13
CA ALA E 140 -18.09 -19.39 1.46
C ALA E 140 -17.96 -20.19 0.19
N LEU E 141 -18.85 -19.94 -0.76
CA LEU E 141 -18.84 -20.65 -2.02
C LEU E 141 -17.50 -20.45 -2.73
N SER E 142 -16.98 -19.23 -2.63
CA SER E 142 -15.68 -18.96 -3.26
C SER E 142 -14.59 -19.79 -2.59
N ALA E 143 -14.68 -19.90 -1.29
CA ALA E 143 -13.69 -20.65 -0.50
C ALA E 143 -13.70 -22.13 -0.83
N ILE E 144 -14.90 -22.65 -1.07
CA ILE E 144 -15.04 -24.05 -1.45
C ILE E 144 -14.30 -24.27 -2.77
N GLU E 145 -14.58 -23.38 -3.71
CA GLU E 145 -14.01 -23.52 -5.03
C GLU E 145 -12.48 -23.43 -4.94
N MET E 146 -11.99 -22.41 -4.22
CA MET E 146 -10.57 -22.17 -4.14
C MET E 146 -9.85 -23.32 -3.43
N ALA E 147 -10.46 -23.85 -2.36
CA ALA E 147 -9.85 -24.98 -1.67
C ALA E 147 -9.72 -26.18 -2.60
N ASN E 148 -10.78 -26.45 -3.36
CA ASN E 148 -10.70 -27.55 -4.31
C ASN E 148 -9.62 -27.31 -5.36
N LEU E 149 -9.58 -26.08 -5.89
CA LEU E 149 -8.63 -25.74 -6.91
C LEU E 149 -7.24 -25.96 -6.41
N PHE E 150 -7.02 -25.53 -5.17
CA PHE E 150 -5.70 -25.63 -4.56
C PHE E 150 -5.28 -27.08 -4.30
N LYS E 151 -6.20 -28.04 -4.37
CA LYS E 151 -5.81 -29.44 -4.20
C LYS E 151 -4.92 -29.88 -5.37
N SER E 152 -5.08 -29.26 -6.54
CA SER E 152 -4.22 -29.61 -7.68
C SER E 152 -3.25 -28.49 -8.03
N LEU E 153 -3.57 -27.27 -7.69
CA LEU E 153 -2.74 -26.16 -8.09
C LEU E 153 -1.56 -25.85 -7.14
N ARG E 154 -1.80 -26.02 -5.85
CA ARG E 154 -0.87 -25.62 -4.80
C ARG E 154 0.30 -26.58 -4.65
#